data_6NR5
#
_entry.id   6NR5
#
_cell.length_a   189.361
_cell.length_b   189.361
_cell.length_c   109.031
_cell.angle_alpha   90.00
_cell.angle_beta   90.00
_cell.angle_gamma   120.00
#
_symmetry.space_group_name_H-M   'P 61 2 2'
#
loop_
_entity.id
_entity.type
_entity.pdbx_description
1 polymer 'Lysine-specific histone demethylase 1A'
2 non-polymer '[(2R,3S,4R,5R)-5-(6-amino-9H-purin-9-yl)-3,4-dihydroxytetrahydrofuran-2-yl]methyl (2R,3R,4R)-5-[(4aR)-7,8-dimethyl-2,4-dioxo-5-(2-phenylethyl)-3,4,4a,5-tetrahydrobenzo[g]pteridin-10(2H)-yl]-2,3,4-trihydroxypentyl dihydrogen diphosphate (non-preferred name)'
#
_entity_poly.entity_id   1
_entity_poly.type   'polypeptide(L)'
_entity_poly.pdbx_seq_one_letter_code
;GVEGAAFQSRLPHDRMTSQEAACFPDIISGPQQTQKVFLFIRNRTLQLWLDNPKIQLTFEATLQQLEAPYNSDTVLVHRV
HSYLERHGLINFGIYKRIKPLPTKKTGKVIIIGSGVSGLAAARQLQSFGMDVTLLEARDRVGGRVATFRKGNYVADLGAM
VVTGLGGNPMAVVSKQVNMELAKIKQKCPLYEANGQAVPKEKDEMVEQEFNRLLEATSYLSHQLDFNVLNNKPVSLGQAL
EVVIQLQEKHVKDEQIEHWKKIVKTQEELKELLNKMVNLKEKIKELHQQYKEASEVKPPRDITAEFLVKSKHRDLTALCK
EYDELAETQGKLEEKLQELEANPPSDVYLSSRDRQILDWHFANLEFANATPLSTLSLKHWDQDDDFEFTGSHLTVRNGYS
CVPVALAEGLDIKLNTAVRQVRYTASGCEVIAVNTRSTSQTFIYKCDAVLCTLPLGVLKQQPPAVQFVPPLPEWKTSAVQ
RMGFGNLNKVVLCFDRVFWDPSVNLFGHVGSTTASRGELFLFWNLYKAPILLALVAGEAAGIMENISDDVIVGRCLAILK
GIFGSSAVPQPKETVVSRWRADPWARGSYSYVAAGSSGNDYDLMAQPITPGPSIPGAPQPIPRLFFAGEHTIRNYPATVH
GALLSGLREAGRIADQFL
;
_entity_poly.pdbx_strand_id   A
#
# COMPACT_ATOMS: atom_id res chain seq x y z
N GLY A 1 30.40 -3.46 -7.19
CA GLY A 1 30.51 -4.85 -7.62
C GLY A 1 29.80 -5.80 -6.68
N VAL A 2 30.40 -6.06 -5.52
CA VAL A 2 29.78 -6.91 -4.51
C VAL A 2 28.85 -6.13 -3.59
N GLU A 3 29.05 -4.81 -3.47
CA GLU A 3 28.13 -4.02 -2.68
C GLU A 3 26.72 -4.08 -3.26
N GLY A 4 26.61 -4.13 -4.58
CA GLY A 4 25.30 -4.29 -5.20
C GLY A 4 24.65 -5.61 -4.83
N ALA A 5 25.44 -6.68 -4.75
CA ALA A 5 24.92 -7.96 -4.30
C ALA A 5 24.45 -7.90 -2.85
N ALA A 6 25.18 -7.17 -2.02
CA ALA A 6 24.73 -7.00 -0.63
C ALA A 6 23.42 -6.23 -0.56
N PHE A 7 23.29 -5.17 -1.36
CA PHE A 7 22.06 -4.38 -1.35
C PHE A 7 20.88 -5.20 -1.87
N GLN A 8 21.12 -6.03 -2.88
CA GLN A 8 20.02 -6.81 -3.46
C GLN A 8 19.46 -7.80 -2.45
N SER A 9 20.25 -8.19 -1.46
CA SER A 9 19.82 -9.12 -0.42
C SER A 9 19.28 -8.41 0.80
N ARG A 10 19.00 -7.11 0.71
CA ARG A 10 18.44 -6.33 1.82
C ARG A 10 19.42 -6.26 2.99
N LEU A 11 20.71 -6.18 2.70
CA LEU A 11 21.73 -6.17 3.74
C LEU A 11 22.65 -4.98 3.59
N PRO A 12 23.14 -4.44 4.71
CA PRO A 12 24.20 -3.42 4.63
C PRO A 12 25.53 -4.04 4.24
N HIS A 13 26.19 -3.42 3.26
CA HIS A 13 27.36 -4.03 2.64
C HIS A 13 28.63 -3.91 3.48
N ASP A 14 28.70 -2.96 4.41
CA ASP A 14 29.93 -2.69 5.15
C ASP A 14 29.79 -2.93 6.66
N ARG A 15 28.74 -3.61 7.10
CA ARG A 15 28.56 -3.90 8.51
C ARG A 15 27.66 -5.12 8.67
N MET A 16 27.97 -5.93 9.68
CA MET A 16 27.23 -7.15 9.96
C MET A 16 25.92 -6.84 10.67
N THR A 17 24.90 -7.64 10.36
CA THR A 17 23.60 -7.50 11.01
C THR A 17 23.62 -8.23 12.36
N SER A 18 22.48 -8.19 13.06
CA SER A 18 22.40 -8.78 14.39
C SER A 18 22.40 -10.31 14.35
N GLN A 19 21.73 -10.90 13.36
CA GLN A 19 21.69 -12.35 13.27
C GLN A 19 23.07 -12.92 12.99
N GLU A 20 23.87 -12.21 12.20
CA GLU A 20 25.24 -12.63 11.94
C GLU A 20 26.11 -12.47 13.18
N ALA A 21 25.82 -11.48 14.03
CA ALA A 21 26.52 -11.40 15.30
C ALA A 21 26.13 -12.56 16.22
N ALA A 22 24.86 -13.00 16.15
CA ALA A 22 24.42 -14.12 16.97
C ALA A 22 25.05 -15.43 16.50
N CYS A 23 25.17 -15.62 15.18
CA CYS A 23 25.73 -16.85 14.64
C CYS A 23 27.24 -16.82 14.50
N PHE A 24 27.86 -15.63 14.55
CA PHE A 24 29.31 -15.49 14.43
C PHE A 24 29.85 -14.61 15.55
N PRO A 25 29.71 -15.03 16.81
CA PRO A 25 30.20 -14.19 17.92
C PRO A 25 31.71 -14.11 17.99
N ASP A 26 32.42 -15.11 17.46
CA ASP A 26 33.89 -15.06 17.46
C ASP A 26 34.44 -13.96 16.58
N ILE A 27 33.63 -13.40 15.69
CA ILE A 27 34.07 -12.36 14.77
C ILE A 27 33.69 -10.97 15.26
N ILE A 28 32.46 -10.79 15.74
CA ILE A 28 32.06 -9.49 16.28
C ILE A 28 32.84 -9.17 17.55
N SER A 29 33.28 -10.21 18.27
CA SER A 29 34.11 -10.04 19.45
C SER A 29 35.59 -10.15 19.14
N GLY A 30 35.97 -10.09 17.86
CA GLY A 30 37.35 -10.25 17.47
C GLY A 30 37.89 -9.04 16.74
N PRO A 31 38.93 -9.24 15.93
CA PRO A 31 39.56 -8.12 15.24
C PRO A 31 38.70 -7.57 14.10
N GLN A 32 38.98 -6.32 13.74
CA GLN A 32 38.23 -5.64 12.69
C GLN A 32 38.45 -6.29 11.33
N GLN A 33 39.68 -6.73 11.06
CA GLN A 33 40.03 -7.19 9.71
C GLN A 33 39.30 -8.48 9.35
N THR A 34 39.16 -9.39 10.32
CA THR A 34 38.43 -10.62 10.03
C THR A 34 36.93 -10.36 9.86
N GLN A 35 36.40 -9.33 10.52
CA GLN A 35 35.05 -8.90 10.22
C GLN A 35 34.93 -8.40 8.78
N LYS A 36 35.90 -7.61 8.33
CA LYS A 36 35.87 -7.10 6.96
C LYS A 36 35.92 -8.23 5.94
N VAL A 37 36.78 -9.23 6.17
CA VAL A 37 36.89 -10.34 5.22
C VAL A 37 35.66 -11.25 5.30
N PHE A 38 35.06 -11.40 6.49
CA PHE A 38 33.78 -12.07 6.58
C PHE A 38 32.75 -11.38 5.68
N LEU A 39 32.68 -10.05 5.77
CA LEU A 39 31.75 -9.31 4.92
C LEU A 39 32.07 -9.52 3.45
N PHE A 40 33.35 -9.53 3.08
CA PHE A 40 33.69 -9.75 1.66
C PHE A 40 33.23 -11.12 1.20
N ILE A 41 33.48 -12.16 2.01
CA ILE A 41 33.08 -13.51 1.60
C ILE A 41 31.56 -13.60 1.48
N ARG A 42 30.84 -12.98 2.42
CA ARG A 42 29.38 -12.97 2.34
C ARG A 42 28.89 -12.29 1.07
N ASN A 43 29.43 -11.10 0.78
CA ASN A 43 29.01 -10.38 -0.42
C ASN A 43 29.38 -11.13 -1.68
N ARG A 44 30.54 -11.80 -1.70
CA ARG A 44 30.98 -12.51 -2.89
C ARG A 44 30.11 -13.74 -3.16
N THR A 45 29.78 -14.50 -2.11
CA THR A 45 28.87 -15.63 -2.29
C THR A 45 27.49 -15.16 -2.72
N LEU A 46 27.03 -14.03 -2.16
CA LEU A 46 25.75 -13.49 -2.60
C LEU A 46 25.80 -13.10 -4.07
N GLN A 47 26.91 -12.50 -4.52
CA GLN A 47 27.02 -12.11 -5.92
C GLN A 47 27.04 -13.34 -6.82
N LEU A 48 27.77 -14.38 -6.42
CA LEU A 48 27.79 -15.61 -7.21
C LEU A 48 26.38 -16.21 -7.32
N TRP A 49 25.61 -16.16 -6.23
CA TRP A 49 24.24 -16.67 -6.28
C TRP A 49 23.35 -15.81 -7.17
N LEU A 50 23.50 -14.49 -7.09
CA LEU A 50 22.58 -13.60 -7.80
C LEU A 50 22.91 -13.47 -9.28
N ASP A 51 24.17 -13.65 -9.67
CA ASP A 51 24.52 -13.56 -11.09
C ASP A 51 24.07 -14.79 -11.87
N ASN A 52 23.89 -15.92 -11.20
CA ASN A 52 23.38 -17.14 -11.83
C ASN A 52 22.48 -17.87 -10.84
N PRO A 53 21.27 -17.34 -10.61
CA PRO A 53 20.37 -17.94 -9.61
C PRO A 53 19.61 -19.15 -10.10
N LYS A 54 19.87 -19.60 -11.33
CA LYS A 54 19.17 -20.74 -11.91
C LYS A 54 19.67 -22.06 -11.33
N ILE A 55 20.93 -22.12 -10.91
CA ILE A 55 21.53 -23.35 -10.40
C ILE A 55 21.96 -23.14 -8.96
N GLN A 56 21.96 -24.24 -8.21
CA GLN A 56 22.40 -24.20 -6.82
C GLN A 56 23.86 -23.78 -6.73
N LEU A 57 24.16 -22.88 -5.80
CA LEU A 57 25.53 -22.52 -5.45
C LEU A 57 25.95 -23.36 -4.25
N THR A 58 26.90 -24.25 -4.48
CA THR A 58 27.40 -25.15 -3.44
C THR A 58 28.61 -24.53 -2.73
N PHE A 59 28.92 -25.08 -1.56
CA PHE A 59 30.16 -24.71 -0.87
C PHE A 59 31.37 -24.96 -1.77
N GLU A 60 31.32 -26.02 -2.57
CA GLU A 60 32.44 -26.36 -3.44
C GLU A 60 32.61 -25.32 -4.55
N ALA A 61 31.53 -25.02 -5.28
CA ALA A 61 31.59 -23.99 -6.31
C ALA A 61 31.94 -22.63 -5.70
N THR A 62 31.42 -22.35 -4.50
CA THR A 62 31.80 -21.14 -3.80
C THR A 62 33.31 -21.06 -3.61
N LEU A 63 33.88 -22.07 -2.96
CA LEU A 63 35.32 -22.11 -2.71
C LEU A 63 36.12 -21.97 -4.00
N GLN A 64 35.69 -22.66 -5.06
CA GLN A 64 36.47 -22.62 -6.30
C GLN A 64 36.35 -21.27 -7.01
N GLN A 65 35.26 -20.55 -6.78
CA GLN A 65 35.03 -19.29 -7.49
C GLN A 65 35.51 -18.05 -6.74
N LEU A 66 35.75 -18.16 -5.43
CA LEU A 66 36.38 -17.06 -4.73
C LEU A 66 37.79 -16.83 -5.26
N GLU A 67 38.30 -15.62 -5.05
CA GLU A 67 39.60 -15.25 -5.60
C GLU A 67 40.70 -15.55 -4.58
N ALA A 68 41.92 -15.09 -4.87
CA ALA A 68 43.12 -15.67 -4.27
C ALA A 68 43.16 -15.60 -2.75
N PRO A 69 43.04 -14.42 -2.10
CA PRO A 69 43.33 -14.39 -0.66
C PRO A 69 42.31 -15.15 0.19
N TYR A 70 41.06 -15.22 -0.24
CA TYR A 70 39.98 -15.74 0.60
C TYR A 70 39.73 -17.22 0.40
N ASN A 71 40.14 -17.78 -0.73
CA ASN A 71 39.82 -19.17 -1.06
C ASN A 71 40.50 -20.17 -0.13
N SER A 72 41.45 -19.74 0.69
CA SER A 72 42.25 -20.66 1.49
C SER A 72 41.63 -20.96 2.85
N ASP A 73 40.97 -19.99 3.47
CA ASP A 73 40.28 -20.23 4.74
C ASP A 73 38.96 -20.92 4.44
N THR A 74 39.04 -22.24 4.24
CA THR A 74 37.87 -23.00 3.80
C THR A 74 36.80 -23.05 4.88
N VAL A 75 37.19 -23.12 6.15
CA VAL A 75 36.21 -23.34 7.21
C VAL A 75 35.32 -22.12 7.38
N LEU A 76 35.88 -20.91 7.31
CA LEU A 76 35.03 -19.73 7.43
C LEU A 76 34.17 -19.54 6.20
N VAL A 77 34.70 -19.84 5.02
CA VAL A 77 33.88 -19.83 3.81
C VAL A 77 32.67 -20.75 3.97
N HIS A 78 32.90 -21.95 4.53
CA HIS A 78 31.80 -22.89 4.73
C HIS A 78 30.83 -22.38 5.80
N ARG A 79 31.35 -21.75 6.85
CA ARG A 79 30.47 -21.16 7.86
C ARG A 79 29.56 -20.11 7.23
N VAL A 80 30.14 -19.23 6.41
CA VAL A 80 29.36 -18.19 5.74
C VAL A 80 28.31 -18.82 4.83
N HIS A 81 28.73 -19.81 4.04
CA HIS A 81 27.83 -20.46 3.09
C HIS A 81 26.68 -21.16 3.81
N SER A 82 26.97 -21.86 4.92
CA SER A 82 25.92 -22.52 5.67
C SER A 82 24.96 -21.52 6.28
N TYR A 83 25.50 -20.44 6.87
CA TYR A 83 24.64 -19.39 7.40
C TYR A 83 23.69 -18.87 6.31
N LEU A 84 24.25 -18.53 5.15
CA LEU A 84 23.41 -17.96 4.09
C LEU A 84 22.39 -18.96 3.57
N GLU A 85 22.80 -20.22 3.38
CA GLU A 85 21.87 -21.21 2.87
C GLU A 85 20.75 -21.50 3.86
N ARG A 86 21.03 -21.38 5.15
CA ARG A 86 20.02 -21.71 6.16
C ARG A 86 18.89 -20.67 6.18
N HIS A 87 19.23 -19.40 5.97
CA HIS A 87 18.27 -18.32 6.09
C HIS A 87 17.71 -17.86 4.73
N GLY A 88 17.88 -18.67 3.70
CA GLY A 88 17.20 -18.40 2.44
C GLY A 88 17.74 -17.23 1.65
N LEU A 89 18.95 -16.77 1.95
CA LEU A 89 19.54 -15.71 1.13
C LEU A 89 20.21 -16.26 -0.11
N ILE A 90 20.67 -17.51 -0.07
CA ILE A 90 21.13 -18.23 -1.25
C ILE A 90 20.39 -19.57 -1.32
N ASN A 91 20.31 -20.10 -2.54
CA ASN A 91 19.63 -21.37 -2.81
C ASN A 91 18.20 -21.33 -2.32
N PHE A 92 17.45 -20.37 -2.86
CA PHE A 92 16.02 -20.23 -2.59
C PHE A 92 15.29 -20.07 -3.92
N GLY A 93 13.97 -20.30 -3.86
CA GLY A 93 13.20 -20.34 -5.08
C GLY A 93 13.31 -21.71 -5.75
N ILE A 94 13.22 -21.72 -7.08
CA ILE A 94 13.34 -22.94 -7.87
C ILE A 94 14.67 -22.91 -8.60
N TYR A 95 15.52 -23.89 -8.31
CA TYR A 95 16.86 -23.96 -8.89
C TYR A 95 17.21 -25.43 -9.13
N LYS A 96 18.12 -25.65 -10.08
CA LYS A 96 18.59 -27.00 -10.40
C LYS A 96 19.72 -27.38 -9.44
N ARG A 97 19.46 -28.37 -8.59
CA ARG A 97 20.46 -28.83 -7.64
C ARG A 97 21.64 -29.47 -8.36
N ILE A 98 22.80 -29.49 -7.68
CA ILE A 98 23.95 -30.22 -8.20
C ILE A 98 23.84 -31.70 -7.85
N LYS A 99 23.40 -32.01 -6.62
CA LYS A 99 23.16 -33.37 -6.19
C LYS A 99 21.73 -33.48 -5.68
N PRO A 100 20.94 -34.42 -6.20
CA PRO A 100 19.54 -34.54 -5.75
C PRO A 100 19.44 -34.82 -4.26
N LEU A 101 18.49 -34.13 -3.60
CA LEU A 101 18.36 -34.12 -2.15
C LEU A 101 18.32 -35.55 -1.59
N PRO A 102 18.85 -35.78 -0.39
CA PRO A 102 19.05 -37.16 0.08
C PRO A 102 17.74 -37.92 0.23
N THR A 103 17.86 -39.25 0.18
CA THR A 103 16.67 -40.10 0.12
C THR A 103 15.94 -40.15 1.46
N LYS A 104 16.68 -40.30 2.55
CA LYS A 104 16.08 -40.37 3.88
C LYS A 104 16.06 -38.96 4.49
N LYS A 105 14.91 -38.57 5.02
CA LYS A 105 14.64 -37.20 5.44
C LYS A 105 14.39 -37.19 6.94
N THR A 106 15.17 -36.40 7.67
CA THR A 106 15.14 -36.40 9.14
C THR A 106 14.23 -35.28 9.61
N GLY A 107 12.94 -35.60 9.79
CA GLY A 107 11.98 -34.67 10.32
C GLY A 107 10.80 -34.41 9.39
N LYS A 108 9.58 -34.61 9.90
CA LYS A 108 8.37 -34.45 9.13
C LYS A 108 7.56 -33.28 9.66
N VAL A 109 7.21 -32.35 8.77
CA VAL A 109 6.44 -31.16 9.12
C VAL A 109 5.34 -30.96 8.09
N ILE A 110 4.15 -30.65 8.57
CA ILE A 110 3.03 -30.26 7.71
C ILE A 110 2.93 -28.75 7.72
N ILE A 111 2.47 -28.20 6.59
CA ILE A 111 2.36 -26.77 6.38
C ILE A 111 0.94 -26.47 5.93
N ILE A 112 0.26 -25.58 6.64
CA ILE A 112 -1.08 -25.17 6.26
C ILE A 112 -0.99 -24.18 5.10
N GLY A 113 -1.80 -24.39 4.07
CA GLY A 113 -1.87 -23.46 2.95
C GLY A 113 -0.75 -23.59 1.94
N SER A 114 -1.09 -23.37 0.66
CA SER A 114 -0.13 -23.47 -0.44
C SER A 114 0.19 -22.10 -1.06
N GLY A 115 0.07 -21.03 -0.27
CA GLY A 115 0.44 -19.71 -0.74
C GLY A 115 1.93 -19.60 -0.99
N VAL A 116 2.35 -18.41 -1.40
CA VAL A 116 3.76 -18.17 -1.69
C VAL A 116 4.61 -18.40 -0.45
N SER A 117 4.10 -17.99 0.72
CA SER A 117 4.82 -18.25 1.96
C SER A 117 4.96 -19.75 2.20
N GLY A 118 3.85 -20.48 2.08
CA GLY A 118 3.89 -21.92 2.30
C GLY A 118 4.79 -22.63 1.29
N LEU A 119 4.66 -22.29 0.01
CA LEU A 119 5.50 -22.91 -1.01
C LEU A 119 6.98 -22.63 -0.77
N ALA A 120 7.32 -21.39 -0.41
CA ALA A 120 8.72 -21.04 -0.18
C ALA A 120 9.29 -21.81 1.01
N ALA A 121 8.53 -21.86 2.10
CA ALA A 121 8.98 -22.60 3.28
C ALA A 121 9.10 -24.08 2.97
N ALA A 122 8.14 -24.62 2.21
CA ALA A 122 8.19 -26.03 1.83
C ALA A 122 9.44 -26.34 1.03
N ARG A 123 9.72 -25.55 -0.01
CA ARG A 123 10.90 -25.78 -0.82
C ARG A 123 12.17 -25.68 0.00
N GLN A 124 12.26 -24.68 0.88
CA GLN A 124 13.43 -24.52 1.73
C GLN A 124 13.64 -25.74 2.61
N LEU A 125 12.58 -26.16 3.32
CA LEU A 125 12.72 -27.30 4.21
C LEU A 125 12.96 -28.60 3.45
N GLN A 126 12.44 -28.70 2.22
CA GLN A 126 12.69 -29.90 1.42
C GLN A 126 14.15 -30.01 1.05
N SER A 127 14.72 -28.95 0.48
CA SER A 127 16.13 -29.01 0.13
C SER A 127 17.05 -28.97 1.34
N PHE A 128 16.51 -28.76 2.54
CA PHE A 128 17.27 -28.87 3.78
C PHE A 128 17.41 -30.32 4.26
N GLY A 129 16.67 -31.25 3.65
CA GLY A 129 16.72 -32.64 4.05
C GLY A 129 15.68 -32.99 5.10
N MET A 130 14.43 -32.61 4.85
CA MET A 130 13.33 -32.87 5.77
C MET A 130 12.10 -33.28 4.98
N ASP A 131 11.21 -34.02 5.64
CA ASP A 131 9.95 -34.44 5.04
C ASP A 131 8.93 -33.33 5.24
N VAL A 132 8.33 -32.85 4.16
CA VAL A 132 7.39 -31.73 4.21
C VAL A 132 6.12 -32.13 3.48
N THR A 133 4.98 -31.71 4.00
CA THR A 133 3.74 -31.92 3.26
C THR A 133 2.81 -30.74 3.48
N LEU A 134 2.18 -30.27 2.41
CA LEU A 134 1.28 -29.11 2.45
C LEU A 134 -0.17 -29.57 2.45
N LEU A 135 -0.99 -28.84 3.18
CA LEU A 135 -2.44 -29.02 3.18
C LEU A 135 -3.07 -27.73 2.66
N GLU A 136 -3.70 -27.81 1.49
CA GLU A 136 -4.32 -26.65 0.86
C GLU A 136 -5.79 -26.92 0.65
N ALA A 137 -6.64 -26.06 1.22
CA ALA A 137 -8.08 -26.24 1.08
C ALA A 137 -8.56 -25.94 -0.33
N ARG A 138 -7.92 -24.99 -1.01
CA ARG A 138 -8.38 -24.59 -2.33
C ARG A 138 -8.07 -25.68 -3.36
N ASP A 139 -8.65 -25.52 -4.55
CA ASP A 139 -8.45 -26.47 -5.64
C ASP A 139 -7.25 -26.12 -6.51
N ARG A 140 -6.48 -25.09 -6.14
CA ARG A 140 -5.28 -24.70 -6.86
C ARG A 140 -4.24 -24.25 -5.84
N VAL A 141 -3.05 -23.90 -6.34
CA VAL A 141 -1.99 -23.40 -5.47
C VAL A 141 -1.85 -21.89 -5.69
N GLY A 142 -1.21 -21.24 -4.71
CA GLY A 142 -0.93 -19.83 -4.76
C GLY A 142 -1.82 -19.00 -3.85
N GLY A 143 -3.05 -19.45 -3.61
CA GLY A 143 -3.97 -18.73 -2.77
C GLY A 143 -4.31 -17.35 -3.30
N ARG A 144 -3.82 -16.31 -2.64
CA ARG A 144 -4.10 -14.94 -3.06
C ARG A 144 -3.28 -14.51 -4.28
N VAL A 145 -2.54 -15.44 -4.89
CA VAL A 145 -1.97 -15.23 -6.21
C VAL A 145 -2.83 -16.02 -7.20
N ALA A 146 -3.89 -15.38 -7.70
CA ALA A 146 -4.89 -16.04 -8.54
C ALA A 146 -4.86 -15.44 -9.93
N THR A 147 -4.61 -16.27 -10.94
CA THR A 147 -4.62 -15.83 -12.33
C THR A 147 -5.72 -16.56 -13.08
N PHE A 148 -6.71 -15.79 -13.53
CA PHE A 148 -7.74 -16.31 -14.44
C PHE A 148 -7.15 -16.46 -15.83
N ARG A 149 -7.17 -17.69 -16.35
CA ARG A 149 -6.66 -18.00 -17.68
C ARG A 149 -7.78 -18.63 -18.50
N LYS A 150 -8.05 -18.06 -19.67
CA LYS A 150 -9.06 -18.62 -20.57
C LYS A 150 -8.73 -18.19 -22.00
N GLY A 151 -8.28 -19.14 -22.81
CA GLY A 151 -7.93 -18.83 -24.18
C GLY A 151 -6.78 -17.85 -24.22
N ASN A 152 -6.95 -16.78 -24.99
CA ASN A 152 -5.94 -15.73 -25.08
C ASN A 152 -5.90 -14.85 -23.84
N TYR A 153 -6.88 -14.99 -22.94
CA TYR A 153 -7.08 -14.03 -21.86
C TYR A 153 -6.35 -14.47 -20.61
N VAL A 154 -5.54 -13.55 -20.06
CA VAL A 154 -4.84 -13.74 -18.80
C VAL A 154 -5.13 -12.53 -17.92
N ALA A 155 -5.54 -12.77 -16.67
CA ALA A 155 -5.85 -11.64 -15.78
C ALA A 155 -5.65 -12.04 -14.33
N ASP A 156 -4.82 -11.27 -13.62
CA ASP A 156 -4.58 -11.53 -12.21
C ASP A 156 -5.71 -10.97 -11.35
N LEU A 157 -6.32 -11.84 -10.53
CA LEU A 157 -7.36 -11.44 -9.61
C LEU A 157 -6.84 -11.13 -8.22
N GLY A 158 -5.64 -11.60 -7.88
CA GLY A 158 -4.99 -11.26 -6.63
C GLY A 158 -3.72 -10.47 -6.85
N ALA A 159 -2.58 -11.04 -6.47
CA ALA A 159 -1.29 -10.38 -6.68
C ALA A 159 -1.09 -10.06 -8.16
N MET A 160 -0.67 -8.82 -8.42
CA MET A 160 -0.58 -8.30 -9.79
C MET A 160 0.61 -7.40 -10.06
N VAL A 161 1.23 -6.79 -9.04
CA VAL A 161 2.31 -5.83 -9.24
C VAL A 161 3.55 -6.34 -8.52
N VAL A 162 4.70 -6.12 -9.16
CA VAL A 162 6.01 -6.30 -8.54
C VAL A 162 6.49 -4.91 -8.15
N THR A 163 6.59 -4.65 -6.86
CA THR A 163 6.83 -3.30 -6.35
C THR A 163 8.34 -2.99 -6.32
N GLY A 164 8.93 -3.02 -7.50
CA GLY A 164 10.35 -2.71 -7.61
C GLY A 164 11.23 -3.93 -7.46
N LEU A 165 12.39 -3.90 -8.13
CA LEU A 165 13.33 -5.00 -8.10
C LEU A 165 14.52 -4.76 -7.17
N GLY A 166 14.75 -3.51 -6.75
CA GLY A 166 15.88 -3.21 -5.89
C GLY A 166 15.75 -3.79 -4.50
N GLY A 167 16.39 -4.94 -4.27
CA GLY A 167 16.28 -5.64 -3.02
C GLY A 167 15.12 -6.60 -2.92
N ASN A 168 14.37 -6.80 -4.01
CA ASN A 168 13.22 -7.69 -4.01
C ASN A 168 13.64 -9.10 -4.35
N PRO A 169 13.38 -10.10 -3.49
CA PRO A 169 13.61 -11.49 -3.91
C PRO A 169 12.74 -11.91 -5.07
N MET A 170 11.64 -11.20 -5.32
CA MET A 170 10.83 -11.50 -6.49
C MET A 170 11.60 -11.26 -7.77
N ALA A 171 12.63 -10.40 -7.75
CA ALA A 171 13.52 -10.30 -8.90
C ALA A 171 14.19 -11.63 -9.19
N VAL A 172 14.75 -12.27 -8.15
CA VAL A 172 15.39 -13.57 -8.31
C VAL A 172 14.38 -14.60 -8.81
N VAL A 173 13.17 -14.63 -8.21
CA VAL A 173 12.20 -15.64 -8.61
C VAL A 173 11.71 -15.42 -10.04
N SER A 174 11.58 -14.15 -10.45
CA SER A 174 11.21 -13.86 -11.83
C SER A 174 12.30 -14.29 -12.79
N LYS A 175 13.57 -14.10 -12.42
CA LYS A 175 14.66 -14.58 -13.26
C LYS A 175 14.65 -16.09 -13.36
N GLN A 176 14.35 -16.77 -12.24
CA GLN A 176 14.33 -18.24 -12.22
C GLN A 176 13.21 -18.80 -13.09
N VAL A 177 12.02 -18.20 -13.02
CA VAL A 177 10.85 -18.72 -13.73
C VAL A 177 10.70 -18.16 -15.13
N ASN A 178 11.55 -17.19 -15.51
CA ASN A 178 11.47 -16.54 -16.83
C ASN A 178 10.10 -15.89 -17.03
N MET A 179 9.67 -15.13 -16.02
CA MET A 179 8.44 -14.36 -16.08
C MET A 179 8.77 -12.95 -16.57
N GLU A 180 8.07 -12.50 -17.60
CA GLU A 180 8.35 -11.20 -18.19
C GLU A 180 7.56 -10.11 -17.47
N LEU A 181 8.26 -9.08 -17.04
CA LEU A 181 7.67 -7.95 -16.33
C LEU A 181 7.72 -6.72 -17.22
N ALA A 182 6.65 -5.91 -17.15
CA ALA A 182 6.54 -4.70 -17.95
C ALA A 182 6.27 -3.51 -17.05
N LYS A 183 6.92 -2.38 -17.35
CA LYS A 183 6.72 -1.17 -16.56
C LYS A 183 5.30 -0.67 -16.67
N ILE A 184 4.87 0.07 -15.65
CA ILE A 184 3.57 0.71 -15.63
C ILE A 184 3.78 2.20 -15.91
N LYS A 185 3.15 2.69 -16.98
CA LYS A 185 3.23 4.11 -17.32
C LYS A 185 2.46 4.91 -16.29
N GLN A 186 3.17 5.69 -15.48
CA GLN A 186 2.58 6.45 -14.39
C GLN A 186 1.88 7.70 -14.91
N LYS A 187 1.00 7.54 -15.88
CA LYS A 187 0.19 8.61 -16.43
C LYS A 187 -1.26 8.17 -16.30
N CYS A 188 -1.99 8.78 -15.38
CA CYS A 188 -3.36 8.38 -15.08
C CYS A 188 -4.29 9.56 -15.28
N PRO A 189 -4.88 9.71 -16.46
CA PRO A 189 -5.93 10.71 -16.63
C PRO A 189 -7.17 10.32 -15.85
N LEU A 190 -7.91 11.34 -15.42
CA LEU A 190 -9.13 11.16 -14.67
C LEU A 190 -10.32 11.60 -15.50
N TYR A 191 -11.46 10.97 -15.26
CA TYR A 191 -12.71 11.30 -15.95
C TYR A 191 -13.81 11.42 -14.91
N GLU A 192 -14.55 12.53 -14.96
CA GLU A 192 -15.62 12.77 -14.02
C GLU A 192 -16.77 11.81 -14.28
N ALA A 193 -17.82 11.90 -13.45
CA ALA A 193 -18.94 10.98 -13.55
C ALA A 193 -19.67 11.11 -14.88
N ASN A 194 -19.70 12.33 -15.45
CA ASN A 194 -20.36 12.53 -16.73
C ASN A 194 -19.55 12.01 -17.90
N GLY A 195 -18.24 11.80 -17.72
CA GLY A 195 -17.37 11.32 -18.76
C GLY A 195 -16.37 12.34 -19.25
N GLN A 196 -16.57 13.62 -18.92
CA GLN A 196 -15.64 14.65 -19.35
C GLN A 196 -14.33 14.54 -18.59
N ALA A 197 -13.21 14.74 -19.29
CA ALA A 197 -11.92 14.60 -18.65
C ALA A 197 -11.66 15.74 -17.68
N VAL A 198 -10.92 15.41 -16.61
CA VAL A 198 -10.45 16.44 -15.68
C VAL A 198 -9.32 17.20 -16.37
N PRO A 199 -9.42 18.52 -16.47
CA PRO A 199 -8.33 19.29 -17.10
C PRO A 199 -7.02 19.11 -16.34
N LYS A 200 -5.93 19.47 -17.01
CA LYS A 200 -4.60 19.24 -16.43
C LYS A 200 -4.41 20.08 -15.16
N GLU A 201 -4.74 21.37 -15.24
CA GLU A 201 -4.49 22.28 -14.13
C GLU A 201 -5.24 21.84 -12.88
N LYS A 202 -6.54 21.52 -13.01
CA LYS A 202 -7.32 21.09 -11.85
C LYS A 202 -6.81 19.75 -11.33
N ASP A 203 -6.47 18.83 -12.24
CA ASP A 203 -5.92 17.54 -11.84
C ASP A 203 -4.72 17.71 -10.92
N GLU A 204 -3.71 18.45 -11.38
CA GLU A 204 -2.49 18.56 -10.57
C GLU A 204 -2.68 19.46 -9.36
N MET A 205 -3.55 20.48 -9.45
CA MET A 205 -3.86 21.27 -8.26
C MET A 205 -4.43 20.39 -7.15
N VAL A 206 -5.45 19.60 -7.47
CA VAL A 206 -6.08 18.76 -6.45
C VAL A 206 -5.12 17.66 -6.00
N GLU A 207 -4.26 17.17 -6.90
CA GLU A 207 -3.29 16.15 -6.52
C GLU A 207 -2.31 16.69 -5.47
N GLN A 208 -1.77 17.90 -5.71
CA GLN A 208 -0.82 18.45 -4.75
C GLN A 208 -1.49 18.95 -3.48
N GLU A 209 -2.77 19.34 -3.56
CA GLU A 209 -3.52 19.62 -2.35
C GLU A 209 -3.67 18.36 -1.51
N PHE A 210 -3.98 17.23 -2.15
CA PHE A 210 -4.06 15.94 -1.47
C PHE A 210 -2.74 15.59 -0.80
N ASN A 211 -1.64 15.79 -1.51
CA ASN A 211 -0.33 15.47 -0.93
C ASN A 211 -0.04 16.35 0.28
N ARG A 212 -0.39 17.64 0.20
CA ARG A 212 -0.17 18.52 1.35
C ARG A 212 -1.03 18.11 2.53
N LEU A 213 -2.28 17.70 2.28
CA LEU A 213 -3.13 17.20 3.36
C LEU A 213 -2.51 15.98 4.03
N LEU A 214 -1.98 15.05 3.23
CA LEU A 214 -1.38 13.85 3.80
C LEU A 214 -0.15 14.19 4.64
N GLU A 215 0.70 15.11 4.14
CA GLU A 215 1.84 15.53 4.94
C GLU A 215 1.41 16.21 6.23
N ALA A 216 0.30 16.96 6.18
CA ALA A 216 -0.21 17.63 7.38
C ALA A 216 -0.62 16.60 8.42
N THR A 217 -1.29 15.52 8.00
CA THR A 217 -1.64 14.48 8.98
C THR A 217 -0.39 13.80 9.53
N SER A 218 0.59 13.52 8.66
CA SER A 218 1.87 13.00 9.13
C SER A 218 2.44 13.89 10.24
N TYR A 219 2.42 15.21 10.03
CA TYR A 219 2.92 16.13 11.06
C TYR A 219 2.09 16.04 12.35
N LEU A 220 0.77 16.19 12.22
CA LEU A 220 -0.11 16.09 13.39
C LEU A 220 0.23 14.88 14.24
N SER A 221 0.55 13.75 13.61
CA SER A 221 0.87 12.56 14.40
C SER A 221 2.29 12.57 14.93
N HIS A 222 3.27 12.97 14.13
CA HIS A 222 4.66 12.73 14.45
C HIS A 222 5.37 13.91 15.12
N GLN A 223 4.68 15.03 15.34
CA GLN A 223 5.27 16.11 16.13
C GLN A 223 4.29 16.82 17.05
N LEU A 224 3.00 16.51 17.01
CA LEU A 224 2.05 16.95 18.02
C LEU A 224 1.45 15.80 18.82
N ASP A 225 1.76 14.56 18.47
CA ASP A 225 1.17 13.37 19.07
C ASP A 225 -0.35 13.46 19.09
N PHE A 226 -0.91 13.64 17.90
CA PHE A 226 -2.36 13.59 17.71
C PHE A 226 -2.83 12.15 17.54
N ASN A 227 -2.41 11.29 18.47
CA ASN A 227 -2.55 9.85 18.33
C ASN A 227 -3.71 9.27 19.11
N VAL A 228 -3.99 9.79 20.30
CA VAL A 228 -5.12 9.33 21.12
C VAL A 228 -5.92 10.56 21.56
N LEU A 229 -7.13 10.68 21.05
CA LEU A 229 -8.07 11.72 21.46
C LEU A 229 -9.31 11.06 22.04
N ASN A 230 -9.77 11.55 23.19
CA ASN A 230 -10.97 11.02 23.88
C ASN A 230 -10.79 9.55 24.24
N ASN A 231 -9.58 9.19 24.66
CA ASN A 231 -9.23 7.80 24.97
C ASN A 231 -9.60 6.88 23.81
N LYS A 232 -9.20 7.29 22.61
CA LYS A 232 -9.56 6.60 21.38
C LYS A 232 -8.44 6.80 20.37
N PRO A 233 -7.90 5.73 19.78
CA PRO A 233 -6.83 5.91 18.80
C PRO A 233 -7.35 6.58 17.54
N VAL A 234 -6.56 7.51 17.02
CA VAL A 234 -6.97 8.34 15.88
C VAL A 234 -6.70 7.60 14.58
N SER A 235 -7.70 7.56 13.70
CA SER A 235 -7.54 7.01 12.37
C SER A 235 -6.97 8.07 11.42
N LEU A 236 -6.58 7.62 10.23
CA LEU A 236 -6.14 8.56 9.20
C LEU A 236 -7.30 9.39 8.68
N GLY A 237 -8.50 8.80 8.62
CA GLY A 237 -9.67 9.56 8.21
C GLY A 237 -9.96 10.73 9.14
N GLN A 238 -9.78 10.53 10.45
CA GLN A 238 -10.00 11.61 11.40
C GLN A 238 -9.05 12.78 11.12
N ALA A 239 -7.76 12.47 10.97
CA ALA A 239 -6.78 13.52 10.73
C ALA A 239 -7.06 14.24 9.42
N LEU A 240 -7.42 13.49 8.38
CA LEU A 240 -7.77 14.11 7.10
C LEU A 240 -8.95 15.06 7.27
N GLU A 241 -10.00 14.60 7.97
CA GLU A 241 -11.18 15.42 8.16
C GLU A 241 -10.85 16.71 8.91
N VAL A 242 -10.04 16.61 9.97
CA VAL A 242 -9.78 17.81 10.77
C VAL A 242 -8.85 18.76 10.03
N VAL A 243 -7.92 18.27 9.21
CA VAL A 243 -7.08 19.17 8.41
C VAL A 243 -7.91 19.88 7.36
N ILE A 244 -8.88 19.16 6.77
CA ILE A 244 -9.79 19.80 5.81
C ILE A 244 -10.60 20.87 6.50
N GLN A 245 -11.09 20.60 7.72
CA GLN A 245 -11.84 21.61 8.47
C GLN A 245 -10.99 22.84 8.74
N LEU A 246 -9.72 22.64 9.12
CA LEU A 246 -8.81 23.75 9.38
C LEU A 246 -8.67 24.63 8.14
N GLN A 247 -8.43 24.02 6.98
CA GLN A 247 -8.24 24.83 5.78
C GLN A 247 -9.55 25.51 5.35
N GLU A 248 -10.69 24.85 5.56
CA GLU A 248 -11.97 25.47 5.23
C GLU A 248 -12.20 26.72 6.08
N LYS A 249 -11.79 26.66 7.35
CA LYS A 249 -11.93 27.87 8.14
C LYS A 249 -10.90 28.93 7.76
N HIS A 250 -9.68 28.53 7.39
CA HIS A 250 -8.77 29.56 6.88
C HIS A 250 -9.45 30.35 5.76
N VAL A 251 -10.14 29.63 4.86
CA VAL A 251 -10.90 30.29 3.80
C VAL A 251 -11.96 31.23 4.38
N LYS A 252 -12.78 30.71 5.30
CA LYS A 252 -13.85 31.53 5.88
C LYS A 252 -13.32 32.76 6.61
N ASP A 253 -12.16 32.63 7.27
CA ASP A 253 -11.59 33.73 8.04
C ASP A 253 -11.04 34.81 7.11
N GLU A 254 -10.38 34.42 6.02
CA GLU A 254 -9.94 35.42 5.06
C GLU A 254 -11.13 36.12 4.42
N GLN A 255 -12.22 35.38 4.18
CA GLN A 255 -13.46 35.98 3.71
C GLN A 255 -13.98 37.03 4.70
N ILE A 256 -13.96 36.68 5.98
CA ILE A 256 -14.47 37.58 7.02
C ILE A 256 -13.62 38.85 7.11
N GLU A 257 -12.30 38.71 7.10
CA GLU A 257 -11.45 39.90 7.20
C GLU A 257 -11.61 40.78 5.96
N HIS A 258 -11.80 40.17 4.79
CA HIS A 258 -12.05 40.95 3.58
C HIS A 258 -13.35 41.74 3.68
N TRP A 259 -14.43 41.06 4.12
CA TRP A 259 -15.70 41.73 4.30
C TRP A 259 -15.60 42.88 5.31
N LYS A 260 -14.83 42.68 6.39
CA LYS A 260 -14.70 43.71 7.40
C LYS A 260 -13.95 44.93 6.88
N LYS A 261 -12.87 44.70 6.11
CA LYS A 261 -12.17 45.83 5.49
C LYS A 261 -13.11 46.61 4.56
N ILE A 262 -13.87 45.90 3.73
CA ILE A 262 -14.75 46.56 2.78
C ILE A 262 -15.83 47.37 3.50
N VAL A 263 -16.45 46.80 4.52
CA VAL A 263 -17.51 47.52 5.21
C VAL A 263 -16.95 48.72 5.97
N LYS A 264 -15.73 48.61 6.52
CA LYS A 264 -15.17 49.76 7.21
C LYS A 264 -14.88 50.90 6.24
N THR A 265 -14.36 50.58 5.05
CA THR A 265 -14.16 51.66 4.07
C THR A 265 -15.49 52.23 3.60
N GLN A 266 -16.54 51.39 3.50
CA GLN A 266 -17.87 51.91 3.17
C GLN A 266 -18.36 52.91 4.21
N GLU A 267 -18.13 52.61 5.49
CA GLU A 267 -18.51 53.53 6.56
C GLU A 267 -17.74 54.84 6.45
N GLU A 268 -16.42 54.74 6.21
CA GLU A 268 -15.62 55.94 6.01
C GLU A 268 -16.19 56.80 4.88
N LEU A 269 -16.59 56.16 3.77
CA LEU A 269 -17.11 56.92 2.63
C LEU A 269 -18.44 57.56 2.95
N LYS A 270 -19.35 56.84 3.62
CA LYS A 270 -20.64 57.43 3.97
C LYS A 270 -20.46 58.65 4.87
N GLU A 271 -19.58 58.54 5.87
CA GLU A 271 -19.37 59.67 6.77
C GLU A 271 -18.66 60.83 6.07
N LEU A 272 -17.72 60.53 5.17
CA LEU A 272 -17.10 61.60 4.38
C LEU A 272 -18.11 62.29 3.49
N LEU A 273 -19.08 61.55 2.95
CA LEU A 273 -20.12 62.17 2.14
C LEU A 273 -21.01 63.06 2.98
N ASN A 274 -21.29 62.65 4.22
CA ASN A 274 -21.99 63.54 5.15
C ASN A 274 -21.21 64.84 5.35
N LYS A 275 -19.91 64.72 5.66
CA LYS A 275 -19.07 65.90 5.82
C LYS A 275 -19.07 66.76 4.55
N MET A 276 -19.11 66.11 3.39
CA MET A 276 -19.03 66.83 2.12
C MET A 276 -20.30 67.61 1.84
N VAL A 277 -21.47 67.01 2.09
CA VAL A 277 -22.70 67.77 1.87
C VAL A 277 -22.81 68.90 2.87
N ASN A 278 -22.32 68.69 4.11
CA ASN A 278 -22.26 69.79 5.07
C ASN A 278 -21.44 70.95 4.52
N LEU A 279 -20.22 70.67 4.08
CA LEU A 279 -19.36 71.74 3.55
C LEU A 279 -19.90 72.33 2.26
N LYS A 280 -20.58 71.54 1.44
CA LYS A 280 -21.20 72.07 0.23
C LYS A 280 -22.27 73.09 0.56
N GLU A 281 -23.10 72.81 1.57
CA GLU A 281 -24.13 73.78 1.94
C GLU A 281 -23.52 75.00 2.61
N LYS A 282 -22.44 74.82 3.39
CA LYS A 282 -21.74 75.98 3.95
C LYS A 282 -21.19 76.87 2.84
N ILE A 283 -20.58 76.26 1.82
CA ILE A 283 -20.02 77.02 0.70
C ILE A 283 -21.13 77.72 -0.08
N LYS A 284 -22.27 77.04 -0.26
CA LYS A 284 -23.38 77.66 -0.98
C LYS A 284 -23.90 78.88 -0.24
N GLU A 285 -24.13 78.74 1.08
CA GLU A 285 -24.69 79.87 1.82
C GLU A 285 -23.70 81.00 1.99
N LEU A 286 -22.39 80.72 1.99
CA LEU A 286 -21.42 81.82 2.00
C LEU A 286 -21.31 82.46 0.62
N HIS A 287 -21.42 81.67 -0.44
CA HIS A 287 -21.46 82.21 -1.80
C HIS A 287 -22.66 83.13 -1.99
N GLN A 288 -23.77 82.85 -1.31
CA GLN A 288 -24.92 83.73 -1.38
C GLN A 288 -24.61 85.10 -0.76
N GLN A 289 -23.67 85.15 0.16
CA GLN A 289 -23.32 86.41 0.82
C GLN A 289 -22.40 87.26 -0.05
N THR A 303 -15.85 100.73 2.66
CA THR A 303 -15.38 99.60 3.44
C THR A 303 -16.13 98.32 3.05
N ALA A 304 -17.17 98.48 2.23
CA ALA A 304 -17.85 97.31 1.69
C ALA A 304 -16.98 96.56 0.69
N GLU A 305 -16.05 97.27 0.05
CA GLU A 305 -15.10 96.63 -0.85
C GLU A 305 -14.23 95.63 -0.11
N PHE A 306 -13.72 96.03 1.06
CA PHE A 306 -12.94 95.10 1.88
C PHE A 306 -13.80 93.93 2.35
N LEU A 307 -15.09 94.15 2.60
CA LEU A 307 -15.97 93.05 2.97
C LEU A 307 -16.13 92.05 1.84
N VAL A 308 -16.29 92.55 0.60
CA VAL A 308 -16.38 91.66 -0.55
C VAL A 308 -15.09 90.85 -0.70
N LYS A 309 -13.95 91.52 -0.55
CA LYS A 309 -12.66 90.83 -0.69
C LYS A 309 -12.49 89.77 0.39
N SER A 310 -12.91 90.07 1.63
CA SER A 310 -12.79 89.10 2.71
C SER A 310 -13.72 87.91 2.51
N LYS A 311 -14.95 88.18 2.01
CA LYS A 311 -15.85 87.08 1.70
C LYS A 311 -15.25 86.14 0.65
N HIS A 312 -14.61 86.71 -0.37
CA HIS A 312 -13.98 85.85 -1.39
C HIS A 312 -12.76 85.13 -0.84
N ARG A 313 -12.01 85.79 0.05
CA ARG A 313 -10.86 85.14 0.70
C ARG A 313 -11.31 83.96 1.55
N ASP A 314 -12.52 84.03 2.13
CA ASP A 314 -13.06 82.88 2.86
C ASP A 314 -13.59 81.80 1.92
N LEU A 315 -14.23 82.22 0.81
CA LEU A 315 -14.82 81.25 -0.10
C LEU A 315 -13.76 80.41 -0.79
N THR A 316 -12.65 81.02 -1.18
CA THR A 316 -11.61 80.24 -1.83
C THR A 316 -11.01 79.20 -0.88
N ALA A 317 -10.91 79.54 0.41
CA ALA A 317 -10.42 78.57 1.39
C ALA A 317 -11.42 77.42 1.58
N LEU A 318 -12.72 77.75 1.65
CA LEU A 318 -13.71 76.68 1.76
C LEU A 318 -13.67 75.77 0.54
N CYS A 319 -13.46 76.34 -0.65
CA CYS A 319 -13.44 75.53 -1.86
C CYS A 319 -12.20 74.63 -1.92
N LYS A 320 -11.04 75.14 -1.51
CA LYS A 320 -9.86 74.27 -1.47
C LYS A 320 -10.01 73.18 -0.41
N GLU A 321 -10.70 73.48 0.70
CA GLU A 321 -11.04 72.43 1.66
C GLU A 321 -11.87 71.33 0.97
N TYR A 322 -12.96 71.73 0.31
CA TYR A 322 -13.81 70.79 -0.39
C TYR A 322 -13.01 69.95 -1.37
N ASP A 323 -12.08 70.57 -2.09
CA ASP A 323 -11.36 69.82 -3.13
C ASP A 323 -10.29 68.89 -2.55
N GLU A 324 -9.63 69.28 -1.46
CA GLU A 324 -8.73 68.33 -0.79
C GLU A 324 -9.50 67.10 -0.31
N LEU A 325 -10.68 67.32 0.28
CA LEU A 325 -11.46 66.17 0.71
C LEU A 325 -12.01 65.39 -0.48
N ALA A 326 -12.27 66.05 -1.62
CA ALA A 326 -12.67 65.34 -2.82
C ALA A 326 -11.54 64.47 -3.36
N GLU A 327 -10.29 64.91 -3.19
CA GLU A 327 -9.14 64.09 -3.54
C GLU A 327 -9.08 62.84 -2.66
N THR A 328 -9.25 63.04 -1.35
CA THR A 328 -9.31 61.88 -0.46
C THR A 328 -10.46 60.95 -0.84
N GLN A 329 -11.61 61.51 -1.23
CA GLN A 329 -12.72 60.69 -1.68
C GLN A 329 -12.38 59.92 -2.94
N GLY A 330 -11.65 60.55 -3.85
CA GLY A 330 -11.22 59.85 -5.05
C GLY A 330 -10.37 58.63 -4.74
N LYS A 331 -9.35 58.81 -3.90
CA LYS A 331 -8.51 57.66 -3.57
C LYS A 331 -9.26 56.61 -2.76
N LEU A 332 -10.28 57.02 -1.99
CA LEU A 332 -11.01 56.04 -1.20
C LEU A 332 -12.00 55.23 -2.04
N GLU A 333 -12.69 55.87 -2.99
CA GLU A 333 -13.53 55.09 -3.91
C GLU A 333 -12.65 54.19 -4.78
N GLU A 334 -11.45 54.65 -5.14
CA GLU A 334 -10.49 53.79 -5.81
C GLU A 334 -10.18 52.54 -4.97
N LYS A 335 -9.90 52.73 -3.68
CA LYS A 335 -9.58 51.60 -2.81
C LYS A 335 -10.77 50.64 -2.68
N LEU A 336 -11.98 51.19 -2.55
CA LEU A 336 -13.16 50.33 -2.45
C LEU A 336 -13.34 49.50 -3.71
N GLN A 337 -13.16 50.13 -4.87
CA GLN A 337 -13.29 49.39 -6.14
C GLN A 337 -12.24 48.28 -6.23
N GLU A 338 -10.99 48.59 -5.90
CA GLU A 338 -9.93 47.59 -6.04
C GLU A 338 -10.12 46.42 -5.08
N LEU A 339 -10.74 46.66 -3.91
CA LEU A 339 -11.05 45.51 -3.07
C LEU A 339 -12.37 44.83 -3.46
N GLU A 340 -13.24 45.51 -4.20
CA GLU A 340 -14.32 44.82 -4.88
C GLU A 340 -13.80 43.89 -5.96
N ALA A 341 -12.60 44.15 -6.48
CA ALA A 341 -12.04 43.37 -7.58
C ALA A 341 -11.28 42.13 -7.13
N ASN A 342 -10.63 42.16 -5.95
CA ASN A 342 -9.71 41.10 -5.52
C ASN A 342 -10.18 40.47 -4.22
N PRO A 343 -11.17 39.58 -4.27
CA PRO A 343 -11.57 38.84 -3.06
C PRO A 343 -10.72 37.60 -2.88
N PRO A 344 -10.83 36.93 -1.73
CA PRO A 344 -10.19 35.61 -1.60
C PRO A 344 -11.09 34.50 -2.11
N SER A 345 -10.72 33.24 -1.87
CA SER A 345 -11.51 32.12 -2.35
C SER A 345 -12.88 32.10 -1.68
N ASP A 346 -13.89 31.66 -2.45
CA ASP A 346 -15.23 31.49 -1.91
C ASP A 346 -15.35 30.15 -1.17
N VAL A 347 -14.89 29.08 -1.79
CA VAL A 347 -14.90 27.74 -1.20
C VAL A 347 -13.48 27.21 -1.19
N TYR A 348 -13.13 26.48 -0.13
CA TYR A 348 -11.85 25.77 -0.12
C TYR A 348 -11.83 24.72 -1.22
N LEU A 349 -12.83 23.85 -1.25
CA LEU A 349 -13.01 22.86 -2.30
C LEU A 349 -14.40 23.02 -2.89
N SER A 350 -14.48 23.06 -4.22
CA SER A 350 -15.76 22.96 -4.88
C SER A 350 -16.38 21.59 -4.62
N SER A 351 -17.56 21.36 -5.17
CA SER A 351 -18.13 20.02 -5.15
C SER A 351 -17.30 19.07 -6.02
N ARG A 352 -16.95 19.51 -7.23
CA ARG A 352 -16.11 18.71 -8.11
C ARG A 352 -14.69 18.58 -7.57
N ASP A 353 -14.17 19.64 -6.95
CA ASP A 353 -12.88 19.52 -6.28
C ASP A 353 -12.90 18.44 -5.21
N ARG A 354 -13.97 18.41 -4.41
CA ARG A 354 -14.12 17.35 -3.41
C ARG A 354 -14.21 15.98 -4.07
N GLN A 355 -14.87 15.88 -5.23
CA GLN A 355 -14.99 14.58 -5.89
C GLN A 355 -13.63 14.08 -6.39
N ILE A 356 -12.82 14.96 -6.97
CA ILE A 356 -11.48 14.59 -7.40
C ILE A 356 -10.62 14.21 -6.20
N LEU A 357 -10.67 15.02 -5.13
CA LEU A 357 -9.93 14.68 -3.92
C LEU A 357 -10.38 13.32 -3.39
N ASP A 358 -11.66 13.00 -3.53
CA ASP A 358 -12.17 11.69 -3.14
C ASP A 358 -11.62 10.58 -4.04
N TRP A 359 -11.39 10.88 -5.32
CA TRP A 359 -10.71 9.90 -6.15
C TRP A 359 -9.32 9.59 -5.59
N HIS A 360 -8.58 10.63 -5.20
CA HIS A 360 -7.23 10.40 -4.64
C HIS A 360 -7.31 9.65 -3.32
N PHE A 361 -8.32 9.94 -2.51
CA PHE A 361 -8.53 9.18 -1.28
C PHE A 361 -8.83 7.73 -1.59
N ALA A 362 -9.64 7.48 -2.62
CA ALA A 362 -9.91 6.10 -3.05
C ALA A 362 -8.64 5.40 -3.53
N ASN A 363 -7.75 6.12 -4.20
CA ASN A 363 -6.47 5.53 -4.58
C ASN A 363 -5.70 5.10 -3.35
N LEU A 364 -5.73 5.91 -2.29
CA LEU A 364 -5.08 5.52 -1.04
C LEU A 364 -5.78 4.32 -0.41
N GLU A 365 -7.11 4.27 -0.48
CA GLU A 365 -7.86 3.15 0.07
C GLU A 365 -7.53 1.85 -0.67
N PHE A 366 -7.29 1.95 -1.98
CA PHE A 366 -6.80 0.79 -2.73
C PHE A 366 -5.41 0.40 -2.27
N ALA A 367 -4.52 1.39 -2.12
CA ALA A 367 -3.15 1.12 -1.67
C ALA A 367 -3.14 0.36 -0.34
N ASN A 368 -4.06 0.68 0.56
CA ASN A 368 -4.10 0.01 1.86
C ASN A 368 -5.23 -1.00 2.00
N ALA A 369 -6.09 -1.12 0.98
CA ALA A 369 -7.18 -2.10 0.95
C ALA A 369 -8.14 -1.96 2.13
N THR A 370 -8.32 -0.75 2.64
CA THR A 370 -9.22 -0.51 3.76
C THR A 370 -9.58 0.96 3.77
N PRO A 371 -10.72 1.33 4.37
CA PRO A 371 -11.07 2.76 4.48
C PRO A 371 -10.15 3.46 5.48
N LEU A 372 -9.71 4.67 5.13
CA LEU A 372 -8.80 5.41 6.00
C LEU A 372 -9.42 5.72 7.35
N SER A 373 -10.74 5.59 7.47
CA SER A 373 -11.42 5.62 8.75
C SER A 373 -10.94 4.53 9.71
N THR A 374 -10.11 3.58 9.25
CA THR A 374 -9.68 2.46 10.08
C THR A 374 -8.17 2.33 10.17
N LEU A 375 -7.42 3.22 9.52
CA LEU A 375 -5.96 3.13 9.47
C LEU A 375 -5.34 3.93 10.61
N SER A 376 -4.44 3.28 11.36
CA SER A 376 -3.66 3.97 12.39
C SER A 376 -2.92 5.18 11.82
N LEU A 377 -3.31 6.38 12.25
CA LEU A 377 -2.66 7.59 11.76
C LEU A 377 -1.16 7.56 12.01
N LYS A 378 -0.72 6.96 13.11
CA LYS A 378 0.69 6.98 13.46
C LYS A 378 1.47 5.91 12.71
N HIS A 379 0.87 4.74 12.46
CA HIS A 379 1.60 3.56 12.03
C HIS A 379 1.18 2.97 10.69
N TRP A 380 0.24 3.59 9.96
CA TRP A 380 -0.30 2.96 8.76
C TRP A 380 0.77 2.78 7.69
N ASP A 381 1.79 3.63 7.68
CA ASP A 381 2.85 3.61 6.69
C ASP A 381 4.21 3.33 7.33
N GLN A 382 4.23 2.47 8.35
CA GLN A 382 5.47 2.18 9.06
C GLN A 382 6.44 1.38 8.21
N ASP A 383 5.94 0.61 7.24
CA ASP A 383 6.76 -0.16 6.32
C ASP A 383 7.41 0.71 5.26
N ASP A 384 7.05 2.00 5.18
CA ASP A 384 7.47 2.85 4.07
C ASP A 384 8.99 2.88 3.90
N ASP A 385 9.74 2.76 4.99
CA ASP A 385 11.19 2.90 4.91
C ASP A 385 11.88 1.65 4.38
N PHE A 386 11.14 0.59 4.05
CA PHE A 386 11.72 -0.63 3.52
C PHE A 386 11.28 -0.91 2.08
N GLU A 387 10.73 0.09 1.40
CA GLU A 387 10.26 -0.10 0.04
C GLU A 387 11.41 -0.28 -0.93
N PHE A 388 11.16 -0.98 -2.02
CA PHE A 388 12.19 -1.30 -2.98
C PHE A 388 12.41 -0.16 -3.97
N THR A 389 13.65 -0.01 -4.41
CA THR A 389 13.99 0.97 -5.43
C THR A 389 13.68 0.42 -6.82
N GLY A 390 13.30 1.32 -7.72
CA GLY A 390 12.94 0.95 -9.08
C GLY A 390 11.48 1.27 -9.37
N SER A 391 11.08 0.90 -10.57
CA SER A 391 9.73 1.15 -11.06
C SER A 391 8.84 -0.06 -10.84
N HIS A 392 7.56 0.21 -10.55
CA HIS A 392 6.61 -0.88 -10.38
C HIS A 392 6.37 -1.59 -11.70
N LEU A 393 6.28 -2.92 -11.64
CA LEU A 393 6.17 -3.75 -12.82
C LEU A 393 4.98 -4.69 -12.70
N THR A 394 4.20 -4.78 -13.78
CA THR A 394 3.17 -5.80 -13.89
C THR A 394 3.72 -7.03 -14.59
N VAL A 395 3.02 -8.16 -14.42
CA VAL A 395 3.40 -9.42 -15.05
C VAL A 395 2.44 -9.69 -16.20
N ARG A 396 2.98 -10.11 -17.34
CA ARG A 396 2.15 -10.44 -18.50
C ARG A 396 1.82 -11.93 -18.55
N ASN A 397 2.78 -12.79 -18.22
CA ASN A 397 2.53 -14.23 -18.19
C ASN A 397 1.51 -14.62 -17.13
N GLY A 398 1.16 -13.73 -16.22
CA GLY A 398 0.29 -14.06 -15.11
C GLY A 398 1.07 -14.42 -13.87
N TYR A 399 0.66 -13.89 -12.72
CA TYR A 399 1.44 -14.10 -11.50
C TYR A 399 1.40 -15.54 -11.01
N SER A 400 0.38 -16.30 -11.41
CA SER A 400 0.31 -17.71 -11.03
C SER A 400 1.50 -18.50 -11.56
N CYS A 401 2.18 -18.00 -12.58
CA CYS A 401 3.41 -18.60 -13.05
C CYS A 401 4.48 -18.70 -11.96
N VAL A 402 4.30 -18.04 -10.82
CA VAL A 402 5.30 -18.10 -9.75
C VAL A 402 4.93 -19.18 -8.73
N PRO A 403 3.69 -19.22 -8.20
CA PRO A 403 3.36 -20.33 -7.29
C PRO A 403 3.37 -21.69 -7.95
N VAL A 404 2.79 -21.81 -9.16
CA VAL A 404 2.76 -23.12 -9.82
C VAL A 404 4.18 -23.61 -10.08
N ALA A 405 5.06 -22.72 -10.54
CA ALA A 405 6.46 -23.07 -10.74
C ALA A 405 7.13 -23.45 -9.43
N LEU A 406 6.70 -22.84 -8.32
CA LEU A 406 7.28 -23.19 -7.03
C LEU A 406 6.76 -24.51 -6.51
N ALA A 407 5.67 -25.03 -7.10
CA ALA A 407 4.99 -26.19 -6.56
C ALA A 407 5.46 -27.51 -7.14
N GLU A 408 6.18 -27.50 -8.25
CA GLU A 408 6.62 -28.75 -8.86
C GLU A 408 7.62 -29.46 -7.95
N GLY A 409 7.38 -30.74 -7.70
CA GLY A 409 8.22 -31.53 -6.84
C GLY A 409 7.91 -31.44 -5.37
N LEU A 410 6.69 -31.02 -5.00
CA LEU A 410 6.29 -30.84 -3.61
C LEU A 410 5.06 -31.69 -3.32
N ASP A 411 5.06 -32.33 -2.14
CA ASP A 411 3.94 -33.17 -1.72
C ASP A 411 2.82 -32.25 -1.24
N ILE A 412 1.92 -31.90 -2.16
CA ILE A 412 0.85 -30.96 -1.89
C ILE A 412 -0.48 -31.70 -2.01
N LYS A 413 -1.27 -31.65 -0.94
CA LYS A 413 -2.59 -32.28 -0.88
C LYS A 413 -3.65 -31.20 -1.08
N LEU A 414 -4.21 -31.13 -2.28
CA LEU A 414 -5.26 -30.16 -2.55
C LEU A 414 -6.60 -30.61 -1.98
N ASN A 415 -7.52 -29.66 -1.89
CA ASN A 415 -8.90 -29.91 -1.43
C ASN A 415 -8.92 -30.58 -0.07
N THR A 416 -8.04 -30.14 0.83
CA THR A 416 -8.01 -30.61 2.21
C THR A 416 -8.00 -29.39 3.14
N ALA A 417 -9.15 -29.05 3.69
CA ALA A 417 -9.27 -27.94 4.63
C ALA A 417 -8.99 -28.47 6.04
N VAL A 418 -8.01 -27.87 6.72
CA VAL A 418 -7.77 -28.23 8.11
C VAL A 418 -8.88 -27.65 8.97
N ARG A 419 -9.35 -28.43 9.96
CA ARG A 419 -10.33 -27.94 10.91
C ARG A 419 -9.86 -27.95 12.34
N GLN A 420 -8.79 -28.68 12.66
CA GLN A 420 -8.29 -28.74 14.02
C GLN A 420 -6.78 -28.96 14.00
N VAL A 421 -6.09 -28.28 14.90
CA VAL A 421 -4.64 -28.35 15.04
C VAL A 421 -4.33 -28.62 16.50
N ARG A 422 -3.69 -29.75 16.77
CA ARG A 422 -3.27 -30.10 18.12
C ARG A 422 -1.74 -30.03 18.19
N TYR A 423 -1.25 -29.38 19.24
CA TYR A 423 0.20 -29.30 19.47
C TYR A 423 0.49 -29.59 20.94
N THR A 424 1.30 -30.61 21.19
CA THR A 424 1.75 -30.95 22.53
C THR A 424 3.25 -31.15 22.52
N ALA A 425 3.84 -31.26 23.71
CA ALA A 425 5.27 -31.52 23.80
C ALA A 425 5.64 -32.88 23.21
N SER A 426 4.68 -33.80 23.12
CA SER A 426 4.96 -35.11 22.52
C SER A 426 5.05 -35.02 21.00
N GLY A 427 4.33 -34.10 20.39
CA GLY A 427 4.26 -34.02 18.94
C GLY A 427 3.11 -33.11 18.52
N CYS A 428 2.72 -33.20 17.25
CA CYS A 428 1.61 -32.40 16.77
C CYS A 428 0.73 -33.23 15.86
N GLU A 429 -0.57 -33.20 16.11
CA GLU A 429 -1.55 -33.85 15.25
C GLU A 429 -2.47 -32.79 14.69
N VAL A 430 -2.79 -32.93 13.40
CA VAL A 430 -3.64 -31.97 12.71
C VAL A 430 -4.72 -32.74 11.96
N ILE A 431 -5.96 -32.29 12.09
CA ILE A 431 -7.11 -32.96 11.51
C ILE A 431 -7.60 -32.13 10.33
N ALA A 432 -7.57 -32.72 9.14
CA ALA A 432 -8.01 -32.07 7.92
C ALA A 432 -9.20 -32.84 7.35
N VAL A 433 -9.81 -32.28 6.30
CA VAL A 433 -11.00 -32.89 5.75
C VAL A 433 -11.09 -32.54 4.27
N ASN A 434 -11.47 -33.54 3.47
CA ASN A 434 -11.69 -33.30 2.04
C ASN A 434 -12.81 -32.28 1.85
N THR A 435 -12.60 -31.35 0.92
CA THR A 435 -13.52 -30.22 0.78
C THR A 435 -14.75 -30.60 -0.04
N ARG A 436 -14.59 -31.39 -1.11
CA ARG A 436 -15.69 -31.58 -2.05
C ARG A 436 -16.87 -32.31 -1.44
N SER A 437 -16.66 -32.98 -0.30
CA SER A 437 -17.76 -33.49 0.53
C SER A 437 -17.13 -33.83 1.88
N THR A 438 -17.29 -32.92 2.85
CA THR A 438 -16.50 -32.92 4.08
C THR A 438 -16.89 -34.02 5.06
N SER A 439 -17.38 -35.15 4.56
CA SER A 439 -17.62 -36.30 5.41
C SER A 439 -16.35 -37.11 5.62
N GLN A 440 -15.63 -37.39 4.52
CA GLN A 440 -14.33 -38.05 4.59
C GLN A 440 -13.35 -37.20 5.39
N THR A 441 -12.53 -37.84 6.21
CA THR A 441 -11.66 -37.13 7.15
C THR A 441 -10.23 -37.67 7.06
N PHE A 442 -9.25 -36.77 7.17
CA PHE A 442 -7.85 -37.14 7.19
C PHE A 442 -7.21 -36.64 8.48
N ILE A 443 -6.14 -37.31 8.89
CA ILE A 443 -5.45 -37.00 10.15
C ILE A 443 -3.96 -37.18 9.93
N TYR A 444 -3.16 -36.19 10.36
CA TYR A 444 -1.74 -36.17 10.07
C TYR A 444 -0.95 -35.92 11.35
N LYS A 445 -0.01 -36.81 11.65
CA LYS A 445 0.93 -36.63 12.73
C LYS A 445 2.23 -36.03 12.21
N CYS A 446 2.89 -35.24 13.05
CA CYS A 446 4.11 -34.55 12.63
C CYS A 446 4.84 -34.04 13.86
N ASP A 447 6.06 -33.55 13.62
CA ASP A 447 6.89 -32.97 14.66
C ASP A 447 6.71 -31.47 14.80
N ALA A 448 6.25 -30.79 13.76
CA ALA A 448 6.01 -29.36 13.80
C ALA A 448 4.95 -29.01 12.76
N VAL A 449 4.34 -27.83 12.94
CA VAL A 449 3.31 -27.35 12.04
C VAL A 449 3.56 -25.88 11.79
N LEU A 450 3.65 -25.51 10.52
CA LEU A 450 3.83 -24.11 10.11
C LEU A 450 2.52 -23.63 9.49
N CYS A 451 1.84 -22.74 10.19
CA CYS A 451 0.55 -22.21 9.76
C CYS A 451 0.76 -20.97 8.90
N THR A 452 0.30 -21.03 7.66
CA THR A 452 0.29 -19.86 6.78
C THR A 452 -1.12 -19.39 6.47
N LEU A 453 -2.08 -19.71 7.34
CA LEU A 453 -3.44 -19.25 7.16
C LEU A 453 -3.49 -17.73 7.09
N PRO A 454 -4.31 -17.15 6.22
CA PRO A 454 -4.47 -15.69 6.20
C PRO A 454 -5.08 -15.19 7.50
N LEU A 455 -4.77 -13.93 7.83
CA LEU A 455 -5.32 -13.34 9.05
C LEU A 455 -6.84 -13.31 9.02
N GLY A 456 -7.44 -13.21 7.83
CA GLY A 456 -8.88 -13.27 7.73
C GLY A 456 -9.46 -14.60 8.18
N VAL A 457 -8.70 -15.68 8.02
CA VAL A 457 -9.19 -16.99 8.45
C VAL A 457 -9.06 -17.13 9.97
N LEU A 458 -7.96 -16.63 10.53
CA LEU A 458 -7.77 -16.63 11.97
C LEU A 458 -8.76 -15.72 12.68
N LYS A 459 -9.26 -14.69 12.00
CA LYS A 459 -10.20 -13.74 12.57
C LYS A 459 -11.64 -14.24 12.58
N GLN A 460 -11.93 -15.32 11.86
CA GLN A 460 -13.31 -15.68 11.53
C GLN A 460 -14.18 -15.76 12.78
N GLN A 461 -15.45 -15.36 12.64
CA GLN A 461 -16.33 -15.20 13.79
C GLN A 461 -16.48 -16.49 14.58
N PRO A 462 -16.85 -17.63 13.98
CA PRO A 462 -16.57 -18.90 14.63
C PRO A 462 -15.28 -19.50 14.09
N PRO A 463 -14.34 -19.89 14.96
CA PRO A 463 -13.03 -20.35 14.49
C PRO A 463 -13.13 -21.48 13.48
N ALA A 464 -12.78 -21.19 12.22
CA ALA A 464 -12.79 -22.22 11.19
C ALA A 464 -11.74 -23.30 11.44
N VAL A 465 -10.75 -23.02 12.28
CA VAL A 465 -9.75 -24.00 12.70
C VAL A 465 -9.59 -23.91 14.21
N GLN A 466 -9.86 -25.01 14.90
CA GLN A 466 -9.66 -25.04 16.35
C GLN A 466 -8.18 -25.31 16.64
N PHE A 467 -7.69 -24.73 17.73
CA PHE A 467 -6.34 -24.97 18.21
C PHE A 467 -6.42 -25.56 19.60
N VAL A 468 -5.74 -26.69 19.81
CA VAL A 468 -5.69 -27.34 21.11
C VAL A 468 -4.23 -27.60 21.48
N PRO A 469 -3.72 -27.01 22.57
CA PRO A 469 -4.47 -26.09 23.44
C PRO A 469 -4.79 -24.76 22.75
N PRO A 470 -5.84 -24.07 23.20
CA PRO A 470 -6.18 -22.78 22.60
C PRO A 470 -5.01 -21.81 22.62
N LEU A 471 -4.96 -20.95 21.61
CA LEU A 471 -3.83 -20.07 21.40
C LEU A 471 -3.65 -19.11 22.59
N PRO A 472 -2.40 -18.70 22.86
CA PRO A 472 -2.14 -17.83 24.01
C PRO A 472 -2.88 -16.50 23.91
N GLU A 473 -2.87 -15.78 25.03
CA GLU A 473 -3.59 -14.51 25.11
C GLU A 473 -3.00 -13.49 24.14
N TRP A 474 -1.68 -13.35 24.12
CA TRP A 474 -1.05 -12.37 23.24
C TRP A 474 -1.33 -12.67 21.78
N LYS A 475 -1.33 -13.95 21.39
CA LYS A 475 -1.53 -14.30 19.99
C LYS A 475 -2.93 -13.92 19.51
N THR A 476 -3.96 -14.33 20.26
CA THR A 476 -5.33 -14.04 19.83
C THR A 476 -5.63 -12.54 19.93
N SER A 477 -5.06 -11.87 20.93
CA SER A 477 -5.25 -10.42 21.03
C SER A 477 -4.63 -9.71 19.82
N ALA A 478 -3.43 -10.15 19.39
CA ALA A 478 -2.81 -9.55 18.21
C ALA A 478 -3.61 -9.87 16.95
N VAL A 479 -4.18 -11.07 16.87
CA VAL A 479 -5.03 -11.38 15.72
C VAL A 479 -6.22 -10.43 15.67
N GLN A 480 -6.84 -10.16 16.81
CA GLN A 480 -8.02 -9.30 16.84
C GLN A 480 -7.69 -7.82 16.63
N ARG A 481 -6.52 -7.37 17.09
CA ARG A 481 -6.19 -5.95 16.96
C ARG A 481 -5.87 -5.57 15.51
N MET A 482 -5.05 -6.39 14.84
CA MET A 482 -4.62 -6.10 13.49
C MET A 482 -5.80 -6.05 12.52
N GLY A 483 -5.63 -5.30 11.44
CA GLY A 483 -6.68 -5.15 10.44
C GLY A 483 -6.41 -6.02 9.22
N PHE A 484 -7.48 -6.55 8.64
CA PHE A 484 -7.40 -7.36 7.43
C PHE A 484 -8.39 -6.77 6.42
N GLY A 485 -7.88 -6.04 5.45
CA GLY A 485 -8.69 -5.24 4.55
C GLY A 485 -9.33 -6.04 3.43
N ASN A 486 -9.76 -5.31 2.41
CA ASN A 486 -10.48 -5.91 1.29
C ASN A 486 -10.29 -5.03 0.05
N LEU A 487 -10.21 -5.68 -1.10
CA LEU A 487 -10.04 -5.01 -2.39
C LEU A 487 -10.41 -5.97 -3.52
N ASN A 488 -11.26 -5.55 -4.43
CA ASN A 488 -11.76 -6.45 -5.46
C ASN A 488 -11.41 -5.95 -6.86
N LYS A 489 -11.47 -6.86 -7.82
CA LYS A 489 -11.21 -6.56 -9.22
C LYS A 489 -12.35 -7.09 -10.07
N VAL A 490 -12.62 -6.40 -11.17
CA VAL A 490 -13.49 -6.91 -12.23
C VAL A 490 -12.73 -6.80 -13.54
N VAL A 491 -12.61 -7.91 -14.25
CA VAL A 491 -11.87 -7.95 -15.51
C VAL A 491 -12.87 -8.15 -16.64
N LEU A 492 -12.69 -7.35 -17.69
CA LEU A 492 -13.49 -7.36 -18.91
C LEU A 492 -12.61 -7.73 -20.08
N CYS A 493 -13.02 -8.75 -20.84
CA CYS A 493 -12.30 -9.24 -22.01
C CYS A 493 -13.14 -8.95 -23.24
N PHE A 494 -12.69 -7.99 -24.04
CA PHE A 494 -13.34 -7.60 -25.28
C PHE A 494 -12.66 -8.26 -26.47
N ASP A 495 -13.23 -8.02 -27.65
CA ASP A 495 -12.62 -8.45 -28.91
C ASP A 495 -11.75 -7.36 -29.53
N ARG A 496 -12.11 -6.09 -29.34
CA ARG A 496 -11.37 -4.96 -29.86
C ARG A 496 -10.91 -4.07 -28.70
N VAL A 497 -9.84 -3.34 -28.95
CA VAL A 497 -9.31 -2.36 -27.99
C VAL A 497 -9.83 -0.98 -28.40
N PHE A 498 -10.70 -0.41 -27.57
CA PHE A 498 -11.29 0.88 -27.86
C PHE A 498 -10.66 2.01 -27.07
N TRP A 499 -9.70 1.71 -26.20
CA TRP A 499 -9.08 2.69 -25.32
C TRP A 499 -7.68 3.04 -25.81
N ASP A 500 -7.08 4.00 -25.14
CA ASP A 500 -5.75 4.49 -25.47
C ASP A 500 -4.70 3.46 -25.05
N PRO A 501 -3.99 2.84 -26.00
CA PRO A 501 -2.99 1.82 -25.63
C PRO A 501 -1.72 2.38 -25.02
N SER A 502 -1.56 3.71 -25.00
CA SER A 502 -0.36 4.32 -24.43
C SER A 502 -0.49 4.61 -22.93
N VAL A 503 -1.68 4.51 -22.36
CA VAL A 503 -1.90 4.71 -20.94
C VAL A 503 -2.25 3.37 -20.31
N ASN A 504 -1.62 3.06 -19.18
CA ASN A 504 -1.92 1.85 -18.42
C ASN A 504 -3.01 2.07 -17.40
N LEU A 505 -3.11 3.29 -16.86
CA LEU A 505 -4.04 3.63 -15.81
C LEU A 505 -4.94 4.77 -16.27
N PHE A 506 -6.23 4.67 -15.95
CA PHE A 506 -7.07 5.86 -16.04
C PHE A 506 -8.19 5.77 -15.02
N GLY A 507 -8.53 6.93 -14.43
CA GLY A 507 -9.44 6.99 -13.30
C GLY A 507 -10.84 7.45 -13.67
N HIS A 508 -11.82 6.99 -12.91
CA HIS A 508 -13.19 7.47 -12.97
C HIS A 508 -13.56 8.06 -11.62
N VAL A 509 -13.83 9.35 -11.60
CA VAL A 509 -14.18 10.04 -10.35
C VAL A 509 -15.64 9.77 -10.02
N GLY A 510 -15.89 9.31 -8.80
CA GLY A 510 -17.24 9.03 -8.37
C GLY A 510 -18.00 10.29 -7.97
N SER A 511 -19.32 10.14 -7.84
CA SER A 511 -20.15 11.28 -7.49
C SER A 511 -20.11 11.58 -6.01
N THR A 512 -20.26 10.57 -5.17
CA THR A 512 -20.35 10.72 -3.73
C THR A 512 -19.05 10.29 -3.06
N THR A 513 -18.77 10.92 -1.91
CA THR A 513 -17.63 10.50 -1.09
C THR A 513 -17.83 9.07 -0.57
N ALA A 514 -19.07 8.72 -0.22
CA ALA A 514 -19.32 7.43 0.40
C ALA A 514 -19.01 6.27 -0.55
N SER A 515 -19.20 6.49 -1.85
CA SER A 515 -18.91 5.47 -2.86
C SER A 515 -17.87 5.98 -3.83
N ARG A 516 -16.72 6.42 -3.31
CA ARG A 516 -15.64 6.96 -4.12
C ARG A 516 -14.70 5.88 -4.64
N GLY A 517 -14.68 4.72 -4.02
CA GLY A 517 -13.85 3.61 -4.44
C GLY A 517 -14.52 2.62 -5.38
N GLU A 518 -15.68 2.96 -5.94
CA GLU A 518 -16.41 2.06 -6.83
C GLU A 518 -15.92 2.27 -8.27
N LEU A 519 -15.17 1.28 -8.79
CA LEU A 519 -14.70 1.28 -10.17
C LEU A 519 -13.91 2.54 -10.50
N PHE A 520 -13.10 2.99 -9.55
CA PHE A 520 -12.42 4.28 -9.69
C PHE A 520 -11.18 4.21 -10.57
N LEU A 521 -10.55 3.04 -10.70
CA LEU A 521 -9.32 2.88 -11.46
C LEU A 521 -9.51 1.81 -12.53
N PHE A 522 -8.90 2.02 -13.69
CA PHE A 522 -8.94 1.06 -14.78
C PHE A 522 -7.53 0.80 -15.27
N TRP A 523 -7.19 -0.47 -15.45
CA TRP A 523 -5.89 -0.93 -15.88
C TRP A 523 -5.96 -1.49 -17.30
N ASN A 524 -5.08 -0.99 -18.18
CA ASN A 524 -4.83 -1.61 -19.47
C ASN A 524 -3.40 -2.14 -19.49
N LEU A 525 -3.05 -2.94 -18.49
CA LEU A 525 -1.68 -3.44 -18.34
C LEU A 525 -1.40 -4.69 -19.14
N TYR A 526 -2.37 -5.19 -19.90
CA TYR A 526 -2.16 -6.26 -20.85
C TYR A 526 -2.45 -5.72 -22.25
N LYS A 527 -1.54 -5.95 -23.19
CA LYS A 527 -1.78 -5.54 -24.57
C LYS A 527 -2.73 -6.49 -25.31
N ALA A 528 -3.12 -7.60 -24.69
CA ALA A 528 -4.32 -8.28 -25.12
C ALA A 528 -5.54 -7.46 -24.67
N PRO A 529 -6.65 -7.54 -25.41
CA PRO A 529 -7.78 -6.63 -25.12
C PRO A 529 -8.48 -6.91 -23.80
N ILE A 530 -7.83 -6.58 -22.69
CA ILE A 530 -8.36 -6.82 -21.36
C ILE A 530 -8.30 -5.53 -20.55
N LEU A 531 -9.38 -5.22 -19.85
CA LEU A 531 -9.46 -4.05 -18.99
C LEU A 531 -9.81 -4.46 -17.57
N LEU A 532 -9.02 -3.99 -16.61
CA LEU A 532 -9.18 -4.33 -15.20
C LEU A 532 -9.64 -3.10 -14.43
N ALA A 533 -10.75 -3.23 -13.70
CA ALA A 533 -11.31 -2.15 -12.87
C ALA A 533 -11.31 -2.55 -11.40
N LEU A 534 -10.77 -1.66 -10.55
CA LEU A 534 -10.65 -1.92 -9.13
C LEU A 534 -11.86 -1.43 -8.34
N VAL A 535 -12.08 -2.07 -7.20
CA VAL A 535 -13.12 -1.69 -6.24
C VAL A 535 -12.48 -1.69 -4.86
N ALA A 536 -12.34 -0.51 -4.27
CA ALA A 536 -11.62 -0.34 -3.02
C ALA A 536 -12.47 0.45 -2.03
N GLY A 537 -12.00 0.49 -0.78
CA GLY A 537 -12.70 1.23 0.24
C GLY A 537 -13.97 0.53 0.70
N GLU A 538 -14.90 1.37 1.18
CA GLU A 538 -16.15 0.83 1.74
C GLU A 538 -16.99 0.13 0.68
N ALA A 539 -16.74 0.41 -0.61
CA ALA A 539 -17.46 -0.29 -1.66
C ALA A 539 -17.02 -1.74 -1.79
N ALA A 540 -15.76 -2.02 -1.47
CA ALA A 540 -15.19 -3.36 -1.71
C ALA A 540 -16.04 -4.44 -1.05
N GLY A 541 -16.25 -4.32 0.26
CA GLY A 541 -17.03 -5.30 0.98
C GLY A 541 -18.52 -5.27 0.72
N ILE A 542 -19.01 -4.32 -0.07
CA ILE A 542 -20.44 -4.11 -0.23
C ILE A 542 -20.92 -4.58 -1.61
N MET A 543 -20.18 -4.26 -2.66
CA MET A 543 -20.57 -4.66 -4.00
C MET A 543 -20.32 -6.14 -4.25
N GLU A 544 -19.72 -6.85 -3.30
CA GLU A 544 -19.73 -8.30 -3.35
C GLU A 544 -21.14 -8.86 -3.27
N ASN A 545 -22.09 -8.10 -2.72
CA ASN A 545 -23.47 -8.55 -2.65
C ASN A 545 -24.23 -8.28 -3.94
N ILE A 546 -23.52 -8.06 -5.05
CA ILE A 546 -24.12 -7.68 -6.32
C ILE A 546 -23.71 -8.69 -7.37
N SER A 547 -24.67 -9.08 -8.21
CA SER A 547 -24.40 -10.05 -9.26
C SER A 547 -23.42 -9.47 -10.28
N ASP A 548 -22.67 -10.36 -10.92
CA ASP A 548 -21.62 -9.94 -11.85
C ASP A 548 -22.19 -9.13 -13.01
N ASP A 549 -23.39 -9.49 -13.47
CA ASP A 549 -23.94 -8.89 -14.69
C ASP A 549 -24.20 -7.39 -14.50
N VAL A 550 -24.74 -6.99 -13.35
CA VAL A 550 -25.03 -5.56 -13.20
C VAL A 550 -23.77 -4.77 -12.84
N ILE A 551 -22.76 -5.41 -12.22
CA ILE A 551 -21.50 -4.71 -11.99
C ILE A 551 -20.80 -4.45 -13.33
N VAL A 552 -20.80 -5.44 -14.22
CA VAL A 552 -20.22 -5.17 -15.53
C VAL A 552 -21.09 -4.19 -16.31
N GLY A 553 -22.40 -4.17 -16.04
CA GLY A 553 -23.23 -3.12 -16.61
C GLY A 553 -22.80 -1.73 -16.18
N ARG A 554 -22.48 -1.56 -14.90
CA ARG A 554 -22.01 -0.27 -14.41
C ARG A 554 -20.65 0.08 -15.00
N CYS A 555 -19.76 -0.91 -15.12
CA CYS A 555 -18.47 -0.69 -15.79
C CYS A 555 -18.67 -0.24 -17.23
N LEU A 556 -19.59 -0.88 -17.94
CA LEU A 556 -19.86 -0.50 -19.31
C LEU A 556 -20.50 0.88 -19.39
N ALA A 557 -21.30 1.25 -18.40
CA ALA A 557 -21.87 2.59 -18.36
C ALA A 557 -20.77 3.64 -18.21
N ILE A 558 -19.82 3.40 -17.31
CA ILE A 558 -18.69 4.32 -17.13
C ILE A 558 -17.88 4.42 -18.43
N LEU A 559 -17.59 3.26 -19.04
CA LEU A 559 -16.78 3.26 -20.25
C LEU A 559 -17.52 3.87 -21.43
N LYS A 560 -18.85 3.76 -21.46
CA LYS A 560 -19.64 4.46 -22.46
C LYS A 560 -19.57 5.96 -22.25
N GLY A 561 -19.68 6.40 -21.00
CA GLY A 561 -19.56 7.83 -20.72
C GLY A 561 -18.20 8.38 -21.09
N ILE A 562 -17.15 7.57 -20.98
CA ILE A 562 -15.81 8.06 -21.32
C ILE A 562 -15.55 7.99 -22.83
N PHE A 563 -16.07 6.97 -23.51
CA PHE A 563 -15.73 6.74 -24.92
C PHE A 563 -16.92 6.84 -25.88
N GLY A 564 -18.15 6.85 -25.38
CA GLY A 564 -19.30 6.91 -26.27
C GLY A 564 -20.02 5.58 -26.38
N SER A 565 -21.35 5.62 -26.54
CA SER A 565 -22.12 4.38 -26.69
C SER A 565 -21.75 3.63 -27.95
N SER A 566 -21.08 4.30 -28.90
CA SER A 566 -20.80 3.71 -30.19
C SER A 566 -19.62 2.74 -30.15
N ALA A 567 -18.58 3.09 -29.39
CA ALA A 567 -17.27 2.46 -29.54
C ALA A 567 -16.96 1.37 -28.52
N VAL A 568 -17.96 0.91 -27.76
CA VAL A 568 -17.75 -0.15 -26.78
C VAL A 568 -18.74 -1.27 -27.02
N PRO A 569 -18.28 -2.47 -27.37
CA PRO A 569 -19.20 -3.61 -27.49
C PRO A 569 -19.41 -4.27 -26.14
N GLN A 570 -20.40 -5.16 -26.09
CA GLN A 570 -20.58 -6.00 -24.92
C GLN A 570 -19.35 -6.89 -24.75
N PRO A 571 -18.79 -6.99 -23.55
CA PRO A 571 -17.58 -7.80 -23.38
C PRO A 571 -17.85 -9.28 -23.65
N LYS A 572 -16.81 -9.98 -24.07
CA LYS A 572 -16.94 -11.39 -24.40
C LYS A 572 -16.63 -12.29 -23.22
N GLU A 573 -15.82 -11.84 -22.26
CA GLU A 573 -15.61 -12.60 -21.03
C GLU A 573 -15.56 -11.63 -19.85
N THR A 574 -16.10 -12.06 -18.70
CA THR A 574 -16.12 -11.21 -17.52
C THR A 574 -15.81 -12.03 -16.28
N VAL A 575 -14.98 -11.50 -15.39
CA VAL A 575 -14.70 -12.15 -14.11
C VAL A 575 -14.73 -11.11 -12.99
N VAL A 576 -15.24 -11.54 -11.83
CA VAL A 576 -15.39 -10.66 -10.67
C VAL A 576 -14.80 -11.38 -9.45
N SER A 577 -13.96 -10.67 -8.71
CA SER A 577 -13.42 -11.20 -7.47
C SER A 577 -14.32 -10.82 -6.30
N ARG A 578 -14.39 -11.72 -5.31
CA ARG A 578 -15.12 -11.49 -4.06
C ARG A 578 -14.25 -12.03 -2.93
N TRP A 579 -13.19 -11.29 -2.60
CA TRP A 579 -12.17 -11.81 -1.70
C TRP A 579 -12.66 -11.90 -0.26
N ARG A 580 -13.50 -10.96 0.18
CA ARG A 580 -14.01 -11.05 1.54
C ARG A 580 -14.97 -12.22 1.71
N ALA A 581 -15.71 -12.56 0.64
CA ALA A 581 -16.61 -13.70 0.65
C ALA A 581 -15.85 -15.03 0.63
N ASP A 582 -14.75 -15.09 -0.12
CA ASP A 582 -13.90 -16.27 -0.24
C ASP A 582 -13.56 -16.80 1.14
N PRO A 583 -14.02 -18.01 1.49
CA PRO A 583 -13.74 -18.55 2.83
C PRO A 583 -12.29 -18.89 3.07
N TRP A 584 -11.46 -18.92 2.03
CA TRP A 584 -10.04 -19.22 2.17
C TRP A 584 -9.18 -17.96 2.18
N ALA A 585 -9.81 -16.79 2.21
CA ALA A 585 -9.07 -15.53 2.26
C ALA A 585 -9.69 -14.59 3.28
N ARG A 586 -11.01 -14.37 3.18
CA ARG A 586 -11.75 -13.43 4.03
C ARG A 586 -11.23 -12.00 3.91
N GLY A 587 -10.79 -11.62 2.71
CA GLY A 587 -10.30 -10.29 2.47
C GLY A 587 -9.07 -10.31 1.58
N SER A 588 -8.46 -9.14 1.43
CA SER A 588 -7.28 -8.97 0.58
C SER A 588 -5.99 -9.19 1.36
N TYR A 589 -5.49 -8.13 1.99
CA TYR A 589 -4.27 -8.22 2.78
C TYR A 589 -4.45 -7.44 4.07
N SER A 590 -3.51 -7.65 4.99
CA SER A 590 -3.60 -6.98 6.28
C SER A 590 -3.28 -5.49 6.15
N TYR A 591 -3.72 -4.73 7.15
CA TYR A 591 -3.38 -3.33 7.28
C TYR A 591 -3.22 -3.01 8.75
N VAL A 592 -2.51 -1.92 9.03
CA VAL A 592 -2.28 -1.50 10.41
C VAL A 592 -3.53 -0.76 10.87
N ALA A 593 -4.35 -1.43 11.68
CA ALA A 593 -5.56 -0.81 12.21
C ALA A 593 -5.20 0.22 13.28
N ALA A 594 -6.21 0.99 13.70
CA ALA A 594 -5.98 2.09 14.64
C ALA A 594 -5.37 1.60 15.95
N GLY A 595 -5.97 0.57 16.55
CA GLY A 595 -5.44 0.05 17.80
C GLY A 595 -4.16 -0.73 17.67
N SER A 596 -3.74 -1.07 16.45
CA SER A 596 -2.60 -1.94 16.25
C SER A 596 -1.31 -1.13 16.12
N SER A 597 -0.20 -1.86 15.92
CA SER A 597 1.12 -1.26 15.76
C SER A 597 1.97 -2.20 14.93
N GLY A 598 3.17 -1.75 14.58
CA GLY A 598 4.10 -2.60 13.85
C GLY A 598 4.59 -3.79 14.64
N ASN A 599 4.47 -3.76 15.96
CA ASN A 599 4.92 -4.88 16.78
C ASN A 599 3.96 -6.07 16.70
N ASP A 600 2.73 -5.85 16.25
CA ASP A 600 1.77 -6.94 16.16
C ASP A 600 2.16 -7.96 15.09
N TYR A 601 2.82 -7.51 14.02
CA TYR A 601 3.34 -8.45 13.04
C TYR A 601 4.42 -9.35 13.65
N ASP A 602 5.34 -8.76 14.41
CA ASP A 602 6.37 -9.56 15.08
C ASP A 602 5.75 -10.50 16.12
N LEU A 603 4.66 -10.08 16.76
CA LEU A 603 3.93 -10.98 17.66
C LEU A 603 3.34 -12.15 16.89
N MET A 604 2.76 -11.88 15.71
CA MET A 604 2.26 -12.95 14.86
C MET A 604 3.38 -13.87 14.40
N ALA A 605 4.61 -13.37 14.34
CA ALA A 605 5.74 -14.18 13.89
C ALA A 605 6.27 -15.12 14.96
N GLN A 606 6.01 -14.85 16.24
CA GLN A 606 6.60 -15.65 17.30
C GLN A 606 5.92 -17.02 17.38
N PRO A 607 6.69 -18.09 17.55
CA PRO A 607 6.09 -19.43 17.63
C PRO A 607 5.60 -19.75 19.04
N ILE A 608 4.88 -20.86 19.14
CA ILE A 608 4.25 -21.30 20.38
C ILE A 608 4.92 -22.57 20.87
N THR A 609 5.02 -22.72 22.20
CA THR A 609 5.54 -23.95 22.80
C THR A 609 4.78 -24.30 24.06
N PRO A 610 4.10 -25.46 24.10
CA PRO A 610 3.35 -25.91 25.29
C PRO A 610 4.28 -26.33 26.43
N PRO A 620 10.85 -27.39 27.29
CA PRO A 620 9.93 -27.53 26.15
C PRO A 620 10.47 -26.85 24.90
N ILE A 621 9.95 -27.24 23.73
CA ILE A 621 10.42 -26.71 22.45
C ILE A 621 9.24 -26.18 21.64
N PRO A 622 9.45 -25.16 20.80
CA PRO A 622 8.34 -24.66 19.97
C PRO A 622 8.01 -25.62 18.84
N ARG A 623 6.71 -25.73 18.57
CA ARG A 623 6.22 -26.67 17.56
C ARG A 623 5.17 -26.09 16.62
N LEU A 624 4.49 -24.99 16.97
CA LEU A 624 3.57 -24.31 16.08
C LEU A 624 4.19 -23.00 15.65
N PHE A 625 4.61 -22.93 14.39
CA PHE A 625 5.24 -21.75 13.80
C PHE A 625 4.24 -21.05 12.89
N PHE A 626 4.50 -19.77 12.64
CA PHE A 626 3.58 -18.93 11.87
C PHE A 626 4.35 -18.21 10.78
N ALA A 627 3.81 -18.26 9.56
CA ALA A 627 4.34 -17.50 8.44
C ALA A 627 3.17 -16.90 7.68
N GLY A 628 3.47 -16.04 6.72
CA GLY A 628 2.45 -15.42 5.91
C GLY A 628 2.66 -13.92 5.80
N GLU A 629 1.80 -13.31 5.00
CA GLU A 629 1.90 -11.88 4.70
C GLU A 629 1.74 -11.02 5.96
N HIS A 630 1.00 -11.50 6.95
CA HIS A 630 0.71 -10.76 8.17
C HIS A 630 1.71 -11.01 9.29
N THR A 631 2.89 -11.54 8.97
CA THR A 631 3.89 -11.83 10.00
C THR A 631 5.23 -11.17 9.72
N ILE A 632 5.37 -10.45 8.62
CA ILE A 632 6.64 -9.86 8.25
C ILE A 632 6.50 -8.35 8.41
N ARG A 633 7.12 -7.81 9.46
CA ARG A 633 6.90 -6.42 9.84
C ARG A 633 7.32 -5.45 8.74
N ASN A 634 8.49 -5.67 8.13
CA ASN A 634 9.03 -4.71 7.20
C ASN A 634 8.53 -4.90 5.77
N TYR A 635 7.78 -5.97 5.47
CA TYR A 635 7.25 -6.20 4.13
C TYR A 635 5.84 -6.79 4.14
N PRO A 636 4.90 -6.24 4.91
CA PRO A 636 3.55 -6.83 4.93
C PRO A 636 2.78 -6.46 3.67
N ALA A 637 1.61 -7.07 3.52
CA ALA A 637 0.66 -6.81 2.44
C ALA A 637 1.18 -7.21 1.07
N THR A 638 2.37 -7.79 0.96
CA THR A 638 2.95 -8.07 -0.35
C THR A 638 3.42 -9.51 -0.46
N VAL A 639 3.55 -9.96 -1.71
CA VAL A 639 3.91 -11.36 -1.93
C VAL A 639 5.39 -11.61 -1.67
N HIS A 640 6.25 -10.59 -1.84
CA HIS A 640 7.64 -10.80 -1.46
C HIS A 640 7.79 -10.88 0.06
N GLY A 641 6.89 -10.22 0.80
CA GLY A 641 6.87 -10.40 2.24
C GLY A 641 6.51 -11.82 2.64
N ALA A 642 5.50 -12.40 1.98
CA ALA A 642 5.16 -13.80 2.24
C ALA A 642 6.33 -14.71 1.89
N LEU A 643 6.99 -14.47 0.75
CA LEU A 643 8.18 -15.23 0.39
C LEU A 643 9.22 -15.18 1.52
N LEU A 644 9.57 -13.97 1.97
CA LEU A 644 10.64 -13.81 2.95
C LEU A 644 10.23 -14.39 4.30
N SER A 645 8.94 -14.36 4.61
CA SER A 645 8.46 -14.95 5.85
C SER A 645 8.55 -16.47 5.81
N GLY A 646 8.19 -17.06 4.67
CA GLY A 646 8.40 -18.49 4.49
C GLY A 646 9.86 -18.86 4.65
N LEU A 647 10.76 -18.09 4.04
CA LEU A 647 12.19 -18.37 4.16
C LEU A 647 12.63 -18.32 5.62
N ARG A 648 12.21 -17.28 6.34
CA ARG A 648 12.61 -17.10 7.72
C ARG A 648 12.11 -18.23 8.62
N GLU A 649 10.85 -18.62 8.44
CA GLU A 649 10.29 -19.68 9.29
C GLU A 649 10.92 -21.02 8.97
N ALA A 650 11.15 -21.32 7.70
CA ALA A 650 11.89 -22.53 7.35
C ALA A 650 13.28 -22.52 7.97
N GLY A 651 13.95 -21.38 7.93
CA GLY A 651 15.27 -21.28 8.54
C GLY A 651 15.26 -21.59 10.02
N ARG A 652 14.30 -21.01 10.75
CA ARG A 652 14.29 -21.24 12.20
C ARG A 652 13.85 -22.66 12.54
N ILE A 653 12.91 -23.22 11.78
CA ILE A 653 12.51 -24.61 11.98
C ILE A 653 13.70 -25.55 11.77
N ALA A 654 14.41 -25.38 10.65
CA ALA A 654 15.57 -26.24 10.39
C ALA A 654 16.70 -25.99 11.39
N ASP A 655 16.83 -24.77 11.90
CA ASP A 655 17.89 -24.51 12.88
C ASP A 655 17.55 -25.12 14.23
N GLN A 656 16.27 -25.29 14.53
CA GLN A 656 15.91 -25.95 15.78
C GLN A 656 15.96 -27.47 15.66
N PHE A 657 15.39 -28.04 14.60
CA PHE A 657 15.21 -29.47 14.50
C PHE A 657 16.43 -30.20 13.93
N LEU A 658 17.48 -29.49 13.56
CA LEU A 658 18.67 -30.13 12.99
C LEU A 658 19.94 -29.61 13.65
#